data_3R9B
#
_entry.id   3R9B
#
_cell.length_a   178.396
_cell.length_b   102.776
_cell.length_c   92.412
_cell.angle_alpha   90.00
_cell.angle_beta   90.06
_cell.angle_gamma   90.00
#
_symmetry.space_group_name_H-M   'C 1 2 1'
#
loop_
_entity.id
_entity.type
_entity.pdbx_description
1 polymer 'CYTOCHROME P450 164A2'
2 non-polymer 'PROTOPORPHYRIN IX CONTAINING FE'
3 non-polymer 'PHOSPHATE ION'
4 non-polymer 1,2-ETHANEDIOL
5 non-polymer 'SODIUM ION'
6 non-polymer 'POTASSIUM ION'
7 non-polymer DODECANE
8 water water
#
_entity_poly.entity_id   1
_entity_poly.type   'polypeptide(L)'
_entity_poly.pdbx_seq_one_letter_code
;MHNGWMSTAATAQEAQGLLLQLLDPATRADPYPIYDRIRRGGPLALPEANLAVFSSFSDCDDVLRHPSSCSDRTKSTIFQ
RQLAAETQPRPQGPASFLFLDPPDHTRLRGLVSKAFAPRVIKRLEPEITALVDQLLDAVDGPEFNLIDNLAYPLPVAVIC
RLLGVPIEDEPKFSRASALLAAALDPFLALTGETSDLFDEQMKAGMWLRDYLRALIDERRRTPGEDLMSGLVAVEESGDQ
LTEDEIIATCNLLLIAGHETTVNLIANAALAMLRTPGQWAALAADGSRASAVIEETMRYDPPVQLVSRYAGDDLTIGTHT
VPKGDTMLLLLAAAHRDPTIVGAPDRFDPDRAQIRHLGFGKGAHFCLGAPLARLEATVALPALAARFPEARLSGEPEYKR
NLTLRGMSTLSIAVHHHH
;
_entity_poly.pdbx_strand_id   A,B,C
#
loop_
_chem_comp.id
_chem_comp.type
_chem_comp.name
_chem_comp.formula
D12 non-polymer DODECANE 'C12 H26'
EDO non-polymer 1,2-ETHANEDIOL 'C2 H6 O2'
HEM non-polymer 'PROTOPORPHYRIN IX CONTAINING FE' 'C34 H32 Fe N4 O4'
K non-polymer 'POTASSIUM ION' 'K 1'
NA non-polymer 'SODIUM ION' 'Na 1'
PO4 non-polymer 'PHOSPHATE ION' 'O4 P -3'
#
# COMPACT_ATOMS: atom_id res chain seq x y z
N ALA A 15 -35.47 15.85 25.50
CA ALA A 15 -35.50 14.77 24.45
C ALA A 15 -35.12 15.39 23.09
N GLN A 16 -36.12 15.95 22.41
CA GLN A 16 -35.90 16.80 21.26
C GLN A 16 -35.25 18.12 21.71
N GLY A 17 -35.50 18.49 22.98
CA GLY A 17 -34.83 19.62 23.62
C GLY A 17 -33.33 19.41 23.76
N LEU A 18 -32.92 18.18 24.08
CA LEU A 18 -31.49 17.85 24.19
C LEU A 18 -30.78 18.00 22.85
N LEU A 19 -31.43 17.59 21.77
CA LEU A 19 -30.85 17.71 20.43
C LEU A 19 -30.64 19.18 20.04
N LEU A 20 -31.59 20.04 20.39
CA LEU A 20 -31.45 21.46 20.08
C LEU A 20 -30.37 22.13 20.96
N GLN A 21 -30.20 21.64 22.19
CA GLN A 21 -29.08 22.09 23.02
C GLN A 21 -27.73 21.80 22.34
N LEU A 22 -27.59 20.66 21.67
CA LEU A 22 -26.38 20.33 20.92
C LEU A 22 -26.04 21.35 19.84
N LEU A 23 -27.05 21.88 19.16
CA LEU A 23 -26.85 22.88 18.12
C LEU A 23 -26.56 24.28 18.68
N ASP A 24 -27.07 24.54 19.89
CA ASP A 24 -26.83 25.79 20.61
C ASP A 24 -25.31 26.04 20.77
N PRO A 25 -24.80 27.15 20.21
CA PRO A 25 -23.39 27.54 20.31
C PRO A 25 -22.86 27.60 21.75
N ALA A 26 -23.74 27.89 22.72
CA ALA A 26 -23.34 27.94 24.13
C ALA A 26 -22.78 26.60 24.65
N THR A 27 -23.16 25.50 24.01
CA THR A 27 -22.72 24.18 24.48
C THR A 27 -21.49 23.64 23.70
N ARG A 28 -21.01 24.42 22.73
CA ARG A 28 -19.97 23.89 21.84
C ARG A 28 -18.66 23.56 22.55
N ALA A 29 -18.29 24.34 23.57
CA ALA A 29 -17.03 24.06 24.27
C ALA A 29 -17.06 22.72 25.00
N ASP A 30 -18.25 22.31 25.45
CA ASP A 30 -18.36 21.05 26.20
C ASP A 30 -19.71 20.39 25.97
N PRO A 31 -19.85 19.70 24.82
CA PRO A 31 -21.12 19.07 24.50
C PRO A 31 -21.29 17.70 25.17
N TYR A 32 -20.23 17.23 25.84
CA TYR A 32 -20.19 15.85 26.34
C TYR A 32 -21.22 15.47 27.42
N PRO A 33 -21.54 16.37 28.37
CA PRO A 33 -22.67 16.07 29.29
C PRO A 33 -23.97 15.76 28.53
N ILE A 34 -24.24 16.54 27.48
CA ILE A 34 -25.44 16.33 26.65
C ILE A 34 -25.38 15.00 25.89
N TYR A 35 -24.25 14.71 25.25
CA TYR A 35 -24.08 13.46 24.52
C TYR A 35 -24.27 12.26 25.44
N ASP A 36 -23.62 12.31 26.60
CA ASP A 36 -23.72 11.23 27.58
C ASP A 36 -25.17 11.07 28.09
N ARG A 37 -25.85 12.18 28.35
CA ARG A 37 -27.25 12.15 28.80
C ARG A 37 -28.16 11.50 27.75
N ILE A 38 -27.99 11.89 26.49
CA ILE A 38 -28.73 11.27 25.37
C ILE A 38 -28.46 9.75 25.33
N ARG A 39 -27.19 9.35 25.38
CA ARG A 39 -26.87 7.91 25.31
C ARG A 39 -27.50 7.13 26.46
N ARG A 40 -27.46 7.69 27.65
CA ARG A 40 -28.05 7.04 28.84
C ARG A 40 -29.53 6.75 28.64
N GLY A 41 -30.22 7.68 27.98
CA GLY A 41 -31.65 7.55 27.69
C GLY A 41 -31.98 6.53 26.62
N GLY A 42 -30.99 6.10 25.85
CA GLY A 42 -31.20 5.06 24.85
C GLY A 42 -31.42 5.62 23.45
N PRO A 43 -31.71 4.74 22.48
CA PRO A 43 -31.96 5.21 21.11
C PRO A 43 -33.20 6.08 21.02
N LEU A 44 -33.17 7.08 20.15
CA LEU A 44 -34.26 8.03 19.99
C LEU A 44 -34.98 7.79 18.70
N ALA A 45 -36.17 7.22 18.80
CA ALA A 45 -37.01 6.99 17.63
C ALA A 45 -37.99 8.16 17.51
N LEU A 46 -37.79 8.98 16.47
CA LEU A 46 -38.65 10.15 16.27
C LEU A 46 -39.31 10.10 14.89
N PRO A 47 -40.14 9.07 14.63
CA PRO A 47 -40.71 8.91 13.30
C PRO A 47 -41.57 10.10 12.84
N GLU A 48 -42.14 10.88 13.78
CA GLU A 48 -42.92 12.07 13.38
C GLU A 48 -42.05 13.18 12.76
N ALA A 49 -40.75 13.15 13.07
CA ALA A 49 -39.76 14.06 12.50
C ALA A 49 -38.91 13.34 11.44
N ASN A 50 -39.38 12.16 11.00
CA ASN A 50 -38.66 11.30 10.05
C ASN A 50 -37.20 11.08 10.47
N LEU A 51 -37.00 10.83 11.75
CA LEU A 51 -35.65 10.86 12.33
C LEU A 51 -35.47 9.74 13.34
N ALA A 52 -34.24 9.25 13.45
CA ALA A 52 -33.85 8.36 14.54
C ALA A 52 -32.45 8.76 14.93
N VAL A 53 -32.20 8.85 16.23
CA VAL A 53 -30.88 9.25 16.70
C VAL A 53 -30.28 8.14 17.57
N PHE A 54 -29.13 7.64 17.11
CA PHE A 54 -28.41 6.56 17.78
C PHE A 54 -27.16 7.11 18.41
N SER A 55 -26.81 6.56 19.57
CA SER A 55 -25.75 7.12 20.38
C SER A 55 -24.90 6.05 21.08
N SER A 56 -25.39 4.81 21.14
CA SER A 56 -24.58 3.71 21.70
C SER A 56 -23.54 3.25 20.66
N PHE A 57 -22.44 2.67 21.12
CA PHE A 57 -21.42 2.18 20.20
C PHE A 57 -22.03 1.11 19.32
N SER A 58 -22.75 0.18 19.93
CA SER A 58 -23.38 -0.93 19.22
C SER A 58 -24.31 -0.44 18.12
N ASP A 59 -25.18 0.51 18.43
CA ASP A 59 -26.18 0.97 17.45
C ASP A 59 -25.47 1.70 16.28
N CYS A 60 -24.49 2.56 16.61
CA CYS A 60 -23.79 3.31 15.57
C CYS A 60 -23.00 2.38 14.66
N ASP A 61 -22.33 1.40 15.26
CA ASP A 61 -21.60 0.36 14.54
C ASP A 61 -22.56 -0.38 13.61
N ASP A 62 -23.69 -0.81 14.15
CA ASP A 62 -24.70 -1.56 13.39
C ASP A 62 -25.24 -0.75 12.20
N VAL A 63 -25.49 0.54 12.38
CA VAL A 63 -26.01 1.35 11.27
C VAL A 63 -24.97 1.47 10.15
N LEU A 64 -23.71 1.72 10.53
CA LEU A 64 -22.65 1.91 9.55
C LEU A 64 -22.47 0.66 8.69
N ARG A 65 -22.68 -0.50 9.29
CA ARG A 65 -22.53 -1.77 8.59
C ARG A 65 -23.79 -2.27 7.87
N HIS A 66 -24.94 -1.70 8.19
CA HIS A 66 -26.22 -2.26 7.72
C HIS A 66 -26.32 -2.11 6.20
N PRO A 67 -26.61 -3.22 5.50
CA PRO A 67 -26.71 -3.16 4.03
C PRO A 67 -27.83 -2.22 3.51
N SER A 68 -28.84 -1.91 4.33
CA SER A 68 -29.90 -0.96 3.94
C SER A 68 -29.64 0.50 4.33
N SER A 69 -28.56 0.79 5.06
CA SER A 69 -28.20 2.19 5.33
C SER A 69 -27.61 2.85 4.08
N CYS A 70 -28.13 4.02 3.72
CA CYS A 70 -27.74 4.70 2.49
C CYS A 70 -27.12 6.01 2.84
N SER A 71 -26.23 6.49 1.98
CA SER A 71 -25.63 7.81 2.14
C SER A 71 -26.14 8.83 1.10
N ASP A 72 -26.91 8.37 0.12
CA ASP A 72 -27.45 9.22 -0.94
C ASP A 72 -28.74 9.91 -0.44
N ARG A 73 -28.65 11.24 -0.34
CA ARG A 73 -29.76 12.13 0.07
C ARG A 73 -31.08 11.94 -0.68
N THR A 74 -31.00 11.46 -1.92
CA THR A 74 -32.21 11.20 -2.72
C THR A 74 -33.11 10.14 -2.08
N LYS A 75 -32.56 9.32 -1.19
CA LYS A 75 -33.33 8.32 -0.48
C LYS A 75 -33.96 8.82 0.83
N SER A 76 -33.82 10.13 1.07
CA SER A 76 -34.27 10.75 2.31
C SER A 76 -35.64 11.40 2.15
N THR A 77 -36.56 11.08 3.06
CA THR A 77 -37.88 11.72 3.07
C THR A 77 -37.75 13.24 3.33
N ILE A 78 -36.90 13.60 4.30
CA ILE A 78 -36.68 15.00 4.69
C ILE A 78 -36.15 15.78 3.47
N PHE A 79 -35.17 15.22 2.77
CA PHE A 79 -34.63 15.88 1.58
C PHE A 79 -35.64 15.96 0.43
N GLN A 80 -36.36 14.88 0.17
CA GLN A 80 -37.38 14.87 -0.88
C GLN A 80 -38.49 15.90 -0.62
N ARG A 81 -38.90 16.04 0.64
CA ARG A 81 -39.83 17.11 1.03
C ARG A 81 -39.22 18.52 0.89
N GLN A 82 -37.97 18.70 1.32
CA GLN A 82 -37.30 20.00 1.22
C GLN A 82 -37.23 20.47 -0.23
N LEU A 83 -36.90 19.55 -1.13
CA LEU A 83 -36.93 19.79 -2.58
C LEU A 83 -38.29 20.33 -3.04
N ALA A 84 -39.36 19.67 -2.61
CA ALA A 84 -40.71 20.11 -2.91
C ALA A 84 -41.02 21.43 -2.21
N PRO A 94 -23.26 16.24 -9.85
CA PRO A 94 -23.44 15.14 -8.90
C PRO A 94 -22.82 15.44 -7.53
N ALA A 95 -23.36 14.80 -6.49
CA ALA A 95 -22.74 14.79 -5.17
C ALA A 95 -21.42 14.03 -5.23
N SER A 96 -20.47 14.34 -4.34
CA SER A 96 -19.25 13.54 -4.22
C SER A 96 -19.59 12.17 -3.63
N PHE A 97 -18.66 11.21 -3.75
CA PHE A 97 -18.97 9.81 -3.37
C PHE A 97 -19.16 9.60 -1.87
N LEU A 98 -18.76 10.57 -1.05
CA LEU A 98 -19.13 10.56 0.39
C LEU A 98 -20.65 10.46 0.53
N PHE A 99 -21.38 11.08 -0.39
CA PHE A 99 -22.84 11.08 -0.36
C PHE A 99 -23.48 10.22 -1.46
N LEU A 100 -22.80 9.15 -1.86
CA LEU A 100 -23.34 8.24 -2.87
C LEU A 100 -23.33 6.80 -2.38
N ASP A 101 -24.19 5.99 -2.98
CA ASP A 101 -24.26 4.56 -2.69
C ASP A 101 -23.72 3.78 -3.88
N PRO A 102 -23.50 2.47 -3.72
CA PRO A 102 -23.09 1.67 -4.89
C PRO A 102 -24.17 1.68 -5.98
N PRO A 103 -23.78 1.49 -7.26
CA PRO A 103 -22.41 1.17 -7.71
C PRO A 103 -21.50 2.38 -7.84
N ASP A 104 -22.07 3.59 -7.92
CA ASP A 104 -21.23 4.77 -8.18
C ASP A 104 -20.22 4.97 -7.04
N HIS A 105 -20.66 4.77 -5.79
CA HIS A 105 -19.73 4.93 -4.68
C HIS A 105 -18.51 4.01 -4.85
N THR A 106 -18.77 2.76 -5.23
CA THR A 106 -17.72 1.74 -5.31
C THR A 106 -16.69 2.14 -6.38
N ARG A 107 -17.19 2.60 -7.51
CA ARG A 107 -16.34 2.98 -8.65
C ARG A 107 -15.48 4.20 -8.28
N LEU A 108 -16.13 5.23 -7.75
CA LEU A 108 -15.44 6.50 -7.50
C LEU A 108 -14.43 6.43 -6.37
N ARG A 109 -14.81 5.79 -5.27
CA ARG A 109 -13.85 5.50 -4.20
C ARG A 109 -12.67 4.66 -4.74
N GLY A 110 -12.97 3.64 -5.56
CA GLY A 110 -11.93 2.80 -6.14
C GLY A 110 -10.90 3.59 -6.93
N LEU A 111 -11.34 4.65 -7.57
CA LEU A 111 -10.45 5.45 -8.41
C LEU A 111 -9.43 6.26 -7.61
N VAL A 112 -9.76 6.62 -6.38
CA VAL A 112 -8.81 7.41 -5.56
C VAL A 112 -8.19 6.68 -4.37
N SER A 113 -8.61 5.44 -4.13
CA SER A 113 -8.15 4.75 -2.92
C SER A 113 -6.65 4.45 -2.89
N LYS A 114 -6.08 4.09 -4.04
CA LYS A 114 -4.63 3.84 -4.12
C LYS A 114 -3.81 5.08 -3.80
N ALA A 115 -4.27 6.24 -4.26
CA ALA A 115 -3.61 7.52 -3.96
C ALA A 115 -3.52 7.83 -2.45
N PHE A 116 -4.44 7.26 -1.66
CA PHE A 116 -4.46 7.54 -0.22
C PHE A 116 -4.02 6.36 0.65
N ALA A 117 -3.49 5.31 0.01
CA ALA A 117 -3.03 4.12 0.71
C ALA A 117 -1.77 4.48 1.56
N PRO A 118 -1.58 3.80 2.71
CA PRO A 118 -0.44 4.07 3.58
C PRO A 118 0.89 4.19 2.83
N ARG A 119 1.15 3.26 1.91
CA ARG A 119 2.44 3.20 1.18
C ARG A 119 2.71 4.48 0.38
N VAL A 120 1.65 5.02 -0.24
CA VAL A 120 1.75 6.25 -1.00
C VAL A 120 1.84 7.46 -0.07
N ILE A 121 1.01 7.48 0.96
CA ILE A 121 0.99 8.59 1.92
C ILE A 121 2.29 8.73 2.71
N LYS A 122 2.93 7.59 3.03
CA LYS A 122 4.24 7.59 3.71
C LYS A 122 5.32 8.43 3.00
N ARG A 123 5.20 8.54 1.69
CA ARG A 123 6.15 9.33 0.88
C ARG A 123 6.12 10.83 1.23
N LEU A 124 5.05 11.24 1.90
CA LEU A 124 4.84 12.65 2.26
C LEU A 124 5.51 13.05 3.57
N GLU A 125 6.05 12.09 4.30
CA GLU A 125 6.63 12.39 5.61
C GLU A 125 7.73 13.48 5.56
N PRO A 126 8.68 13.43 4.60
CA PRO A 126 9.68 14.54 4.53
C PRO A 126 9.04 15.93 4.35
N GLU A 127 8.08 16.07 3.43
CA GLU A 127 7.35 17.35 3.21
C GLU A 127 6.63 17.83 4.48
N ILE A 128 5.96 16.89 5.15
CA ILE A 128 5.22 17.19 6.37
C ILE A 128 6.17 17.63 7.48
N THR A 129 7.28 16.91 7.62
CA THR A 129 8.28 17.22 8.64
C THR A 129 8.90 18.61 8.41
N ALA A 130 9.24 18.92 7.16
CA ALA A 130 9.81 20.23 6.82
C ALA A 130 8.81 21.35 7.09
N LEU A 131 7.54 21.15 6.73
CA LEU A 131 6.47 22.11 7.02
C LEU A 131 6.29 22.37 8.51
N VAL A 132 6.18 21.30 9.30
CA VAL A 132 6.03 21.42 10.74
C VAL A 132 7.20 22.22 11.35
N ASP A 133 8.42 21.92 10.93
CA ASP A 133 9.61 22.60 11.43
C ASP A 133 9.59 24.09 11.10
N GLN A 134 9.27 24.40 9.84
CA GLN A 134 9.12 25.76 9.36
C GLN A 134 8.07 26.54 10.20
N LEU A 135 6.89 25.93 10.38
CA LEU A 135 5.79 26.56 11.11
C LEU A 135 6.16 26.78 12.58
N LEU A 136 6.84 25.80 13.19
CA LEU A 136 7.24 25.94 14.59
C LEU A 136 8.33 27.00 14.75
N ASP A 137 9.23 27.07 13.77
CA ASP A 137 10.28 28.10 13.73
C ASP A 137 9.71 29.52 13.70
N ALA A 138 8.55 29.69 13.07
CA ALA A 138 7.96 31.01 12.88
C ALA A 138 7.14 31.49 14.08
N VAL A 139 6.89 30.59 15.03
CA VAL A 139 6.13 30.91 16.24
C VAL A 139 6.93 31.84 17.14
N ASP A 140 6.31 32.96 17.51
CA ASP A 140 6.88 33.92 18.46
C ASP A 140 6.07 33.89 19.75
N GLY A 141 6.77 33.85 20.89
CA GLY A 141 6.13 33.94 22.21
C GLY A 141 5.73 35.38 22.53
N PRO A 142 5.18 35.61 23.73
CA PRO A 142 4.98 34.65 24.81
C PRO A 142 3.71 33.80 24.66
N GLU A 143 2.80 34.20 23.78
CA GLU A 143 1.56 33.46 23.51
C GLU A 143 1.30 33.36 22.01
N PHE A 144 0.70 32.24 21.57
CA PHE A 144 0.32 32.06 20.17
C PHE A 144 -0.91 31.17 19.97
N ASN A 145 -1.62 31.41 18.87
CA ASN A 145 -2.78 30.63 18.49
C ASN A 145 -2.33 29.40 17.70
N LEU A 146 -2.46 28.23 18.32
CA LEU A 146 -2.10 26.98 17.66
C LEU A 146 -2.84 26.81 16.34
N ILE A 147 -4.08 27.28 16.26
CA ILE A 147 -4.89 27.08 15.05
C ILE A 147 -4.21 27.73 13.84
N ASP A 148 -3.96 29.04 13.93
CA ASP A 148 -3.42 29.81 12.80
C ASP A 148 -1.98 29.45 12.51
N ASN A 149 -1.21 29.13 13.55
CA ASN A 149 0.23 28.95 13.41
C ASN A 149 0.69 27.55 13.02
N LEU A 150 -0.17 26.55 13.19
CA LEU A 150 0.23 25.16 12.94
C LEU A 150 -0.90 24.24 12.49
N ALA A 151 -1.94 24.11 13.30
CA ALA A 151 -2.93 23.08 13.12
C ALA A 151 -3.66 23.26 11.79
N TYR A 152 -3.98 24.51 11.45
CA TYR A 152 -4.65 24.80 10.18
C TYR A 152 -3.71 24.79 8.94
N PRO A 153 -2.59 25.55 8.96
CA PRO A 153 -1.80 25.63 7.72
C PRO A 153 -1.10 24.33 7.28
N LEU A 154 -0.73 23.46 8.23
CA LEU A 154 -0.06 22.21 7.81
C LEU A 154 -0.93 21.35 6.85
N PRO A 155 -2.15 20.95 7.27
CA PRO A 155 -3.00 20.11 6.41
C PRO A 155 -3.37 20.81 5.09
N VAL A 156 -3.56 22.11 5.13
CA VAL A 156 -3.83 22.90 3.91
C VAL A 156 -2.71 22.81 2.88
N ALA A 157 -1.46 22.98 3.31
CA ALA A 157 -0.32 22.93 2.39
C ALA A 157 -0.23 21.57 1.72
N VAL A 158 -0.42 20.53 2.51
CA VAL A 158 -0.32 19.15 2.05
C VAL A 158 -1.41 18.83 1.02
N ILE A 159 -2.66 19.14 1.34
CA ILE A 159 -3.76 18.78 0.41
C ILE A 159 -3.67 19.59 -0.89
N CYS A 160 -3.28 20.86 -0.81
CA CYS A 160 -3.15 21.66 -2.03
C CYS A 160 -2.11 21.07 -2.99
N ARG A 161 -0.96 20.69 -2.43
CA ARG A 161 0.10 20.03 -3.19
C ARG A 161 -0.36 18.71 -3.79
N LEU A 162 -1.06 17.89 -3.01
CA LEU A 162 -1.53 16.58 -3.45
C LEU A 162 -2.47 16.71 -4.66
N LEU A 163 -3.41 17.66 -4.57
CA LEU A 163 -4.44 17.82 -5.60
C LEU A 163 -3.96 18.61 -6.80
N GLY A 164 -2.97 19.48 -6.60
CA GLY A 164 -2.47 20.35 -7.66
C GLY A 164 -3.10 21.73 -7.65
N VAL A 165 -3.62 22.13 -6.49
CA VAL A 165 -4.23 23.44 -6.31
C VAL A 165 -3.15 24.45 -5.88
N PRO A 166 -2.98 25.58 -6.62
CA PRO A 166 -1.93 26.55 -6.29
C PRO A 166 -2.12 27.16 -4.88
N ILE A 167 -1.08 27.04 -4.05
CA ILE A 167 -1.15 27.50 -2.65
C ILE A 167 -1.51 28.99 -2.55
N GLU A 168 -1.16 29.78 -3.58
CA GLU A 168 -1.48 31.21 -3.61
C GLU A 168 -2.98 31.53 -3.76
N ASP A 169 -3.78 30.52 -4.11
CA ASP A 169 -5.24 30.68 -4.18
C ASP A 169 -5.92 30.31 -2.85
N GLU A 170 -5.12 29.88 -1.87
CA GLU A 170 -5.64 29.45 -0.56
C GLU A 170 -6.60 30.43 0.13
N PRO A 171 -6.30 31.74 0.11
CA PRO A 171 -7.27 32.66 0.71
C PRO A 171 -8.73 32.36 0.32
N LYS A 172 -9.00 32.16 -0.97
CA LYS A 172 -10.35 31.85 -1.47
C LYS A 172 -10.83 30.42 -1.15
N PHE A 173 -9.96 29.43 -1.25
CA PHE A 173 -10.36 28.07 -0.84
C PHE A 173 -10.82 28.09 0.60
N SER A 174 -10.04 28.75 1.45
CA SER A 174 -10.28 28.76 2.89
C SER A 174 -11.70 29.17 3.25
N ARG A 175 -12.17 30.28 2.67
CA ARG A 175 -13.52 30.78 2.97
C ARG A 175 -14.62 29.85 2.45
N ALA A 176 -14.49 29.42 1.20
CA ALA A 176 -15.45 28.49 0.59
C ALA A 176 -15.46 27.16 1.34
N SER A 177 -14.25 26.69 1.66
CA SER A 177 -14.06 25.46 2.40
C SER A 177 -14.71 25.53 3.79
N ALA A 178 -14.47 26.62 4.52
CA ALA A 178 -15.09 26.81 5.85
C ALA A 178 -16.62 26.74 5.78
N LEU A 179 -17.18 27.36 4.74
CA LEU A 179 -18.63 27.40 4.54
C LEU A 179 -19.21 26.00 4.26
N LEU A 180 -18.51 25.23 3.44
CA LEU A 180 -18.99 23.89 3.10
C LEU A 180 -18.78 22.89 4.23
N ALA A 181 -17.76 23.11 5.07
CA ALA A 181 -17.60 22.30 6.29
C ALA A 181 -18.78 22.54 7.22
N ALA A 182 -19.16 23.81 7.38
CA ALA A 182 -20.29 24.20 8.23
C ALA A 182 -21.60 23.59 7.71
N ALA A 183 -21.72 23.45 6.39
CA ALA A 183 -22.92 22.93 5.74
C ALA A 183 -23.23 21.49 6.14
N LEU A 184 -22.27 20.82 6.78
CA LEU A 184 -22.51 19.47 7.29
C LEU A 184 -23.31 19.45 8.60
N ASP A 185 -23.52 20.61 9.20
CA ASP A 185 -24.36 20.68 10.40
C ASP A 185 -25.77 20.20 10.04
N PRO A 186 -26.37 19.35 10.90
CA PRO A 186 -27.68 18.76 10.59
C PRO A 186 -28.86 19.70 10.91
N PHE A 187 -28.83 20.92 10.37
CA PHE A 187 -29.94 21.86 10.61
C PHE A 187 -31.26 21.35 10.10
N LEU A 188 -31.26 20.80 8.90
CA LEU A 188 -32.51 20.38 8.31
C LEU A 188 -33.13 19.25 9.12
N ALA A 189 -32.31 18.25 9.47
CA ALA A 189 -32.78 17.10 10.27
C ALA A 189 -33.28 17.48 11.66
N LEU A 190 -32.58 18.38 12.34
CA LEU A 190 -32.93 18.73 13.71
C LEU A 190 -33.99 19.83 13.84
N THR A 191 -34.07 20.71 12.84
CA THR A 191 -34.94 21.91 12.94
C THR A 191 -36.03 22.06 11.87
N GLY A 192 -35.99 21.21 10.84
CA GLY A 192 -36.91 21.35 9.72
C GLY A 192 -36.65 22.54 8.79
N GLU A 193 -35.61 23.32 9.07
CA GLU A 193 -35.24 24.44 8.18
C GLU A 193 -33.76 24.38 7.78
N THR A 194 -33.41 24.99 6.65
CA THR A 194 -32.00 25.04 6.26
C THR A 194 -31.24 26.02 7.15
N SER A 195 -29.92 25.87 7.18
CA SER A 195 -29.03 26.79 7.85
C SER A 195 -29.26 28.22 7.37
N ASP A 196 -29.01 29.19 8.25
CA ASP A 196 -28.95 30.61 7.86
C ASP A 196 -27.83 30.88 6.83
N LEU A 197 -26.87 29.95 6.74
CA LEU A 197 -25.73 30.07 5.82
C LEU A 197 -25.99 29.48 4.42
N PHE A 198 -27.20 28.96 4.22
CA PHE A 198 -27.54 28.19 3.02
C PHE A 198 -27.16 28.90 1.72
N ASP A 199 -27.67 30.13 1.54
CA ASP A 199 -27.38 30.91 0.33
CA ASP A 199 -27.38 30.91 0.33
C ASP A 199 -25.88 31.07 0.10
N GLU A 200 -25.16 31.44 1.17
CA GLU A 200 -23.70 31.60 1.09
CA GLU A 200 -23.71 31.60 1.10
C GLU A 200 -23.02 30.28 0.70
N GLN A 201 -23.50 29.17 1.27
CA GLN A 201 -22.93 27.86 0.96
C GLN A 201 -23.16 27.41 -0.49
N MET A 202 -24.34 27.71 -1.04
CA MET A 202 -24.61 27.43 -2.46
C MET A 202 -23.68 28.23 -3.36
N LYS A 203 -23.49 29.52 -3.03
CA LYS A 203 -22.57 30.40 -3.74
C LYS A 203 -21.13 29.87 -3.69
N ALA A 204 -20.68 29.48 -2.51
CA ALA A 204 -19.35 28.88 -2.31
C ALA A 204 -19.17 27.58 -3.10
N GLY A 205 -20.20 26.73 -3.09
CA GLY A 205 -20.18 25.49 -3.86
C GLY A 205 -20.00 25.78 -5.33
N MET A 206 -20.76 26.74 -5.83
CA MET A 206 -20.68 27.09 -7.25
C MET A 206 -19.31 27.64 -7.60
N TRP A 207 -18.79 28.54 -6.76
CA TRP A 207 -17.45 29.08 -6.98
C TRP A 207 -16.40 27.97 -7.04
N LEU A 208 -16.44 27.06 -6.05
CA LEU A 208 -15.46 25.97 -5.99
C LEU A 208 -15.52 25.05 -7.20
N ARG A 209 -16.72 24.70 -7.65
CA ARG A 209 -16.88 23.87 -8.85
C ARG A 209 -16.29 24.57 -10.08
N ASP A 210 -16.64 25.83 -10.29
CA ASP A 210 -16.12 26.61 -11.41
C ASP A 210 -14.60 26.71 -11.37
N TYR A 211 -14.07 26.99 -10.18
CA TYR A 211 -12.63 27.09 -9.96
C TYR A 211 -11.93 25.79 -10.33
N LEU A 212 -12.42 24.67 -9.78
CA LEU A 212 -11.79 23.38 -10.05
C LEU A 212 -11.93 23.00 -11.52
N ARG A 213 -13.08 23.30 -12.13
CA ARG A 213 -13.27 23.08 -13.57
C ARG A 213 -12.14 23.72 -14.40
N ALA A 214 -11.78 24.96 -14.08
CA ALA A 214 -10.73 25.69 -14.80
C ALA A 214 -9.36 25.02 -14.60
N LEU A 215 -9.08 24.53 -13.39
CA LEU A 215 -7.81 23.84 -13.13
C LEU A 215 -7.75 22.52 -13.89
N ILE A 216 -8.88 21.82 -13.94
CA ILE A 216 -8.99 20.56 -14.67
C ILE A 216 -8.74 20.79 -16.16
N ASP A 217 -9.32 21.86 -16.70
CA ASP A 217 -9.19 22.16 -18.13
C ASP A 217 -7.74 22.47 -18.52
N GLU A 218 -6.98 23.13 -17.64
CA GLU A 218 -5.58 23.42 -17.97
C GLU A 218 -4.70 22.17 -17.97
N ARG A 219 -5.11 21.14 -17.23
CA ARG A 219 -4.41 19.86 -17.20
C ARG A 219 -4.57 19.05 -18.50
N ARG A 220 -5.50 19.44 -19.35
CA ARG A 220 -5.58 18.87 -20.70
C ARG A 220 -4.51 19.46 -21.65
N ARG A 221 -3.88 20.56 -21.22
CA ARG A 221 -2.89 21.28 -22.05
C ARG A 221 -1.45 21.17 -21.53
N THR A 222 -1.31 21.21 -20.20
CA THR A 222 0.00 21.17 -19.54
C THR A 222 0.00 20.02 -18.57
N PRO A 223 0.97 19.08 -18.70
CA PRO A 223 1.06 17.92 -17.80
C PRO A 223 1.28 18.34 -16.35
N GLY A 224 0.45 17.83 -15.45
CA GLY A 224 0.64 18.01 -14.00
C GLY A 224 1.19 16.75 -13.37
N GLU A 225 1.65 16.85 -12.14
CA GLU A 225 2.10 15.69 -11.38
C GLU A 225 1.27 15.68 -10.10
N ASP A 226 -0.03 15.59 -10.26
CA ASP A 226 -0.91 15.68 -9.10
C ASP A 226 -2.11 14.80 -9.37
N LEU A 227 -2.96 14.64 -8.35
CA LEU A 227 -4.09 13.75 -8.46
C LEU A 227 -5.11 14.22 -9.49
N MET A 228 -5.26 15.52 -9.63
CA MET A 228 -6.22 16.06 -10.59
C MET A 228 -5.81 15.62 -12.01
N SER A 229 -4.52 15.74 -12.33
CA SER A 229 -4.01 15.28 -13.61
C SER A 229 -4.24 13.78 -13.82
N GLY A 230 -3.96 13.00 -12.78
CA GLY A 230 -4.16 11.54 -12.87
C GLY A 230 -5.61 11.20 -13.16
N LEU A 231 -6.53 11.94 -12.53
CA LEU A 231 -7.97 11.72 -12.77
C LEU A 231 -8.39 12.12 -14.20
N VAL A 232 -7.88 13.25 -14.69
CA VAL A 232 -8.11 13.65 -16.09
C VAL A 232 -7.63 12.56 -17.08
N ALA A 233 -6.45 11.98 -16.84
CA ALA A 233 -5.94 10.87 -17.68
C ALA A 233 -6.94 9.70 -17.78
N VAL A 234 -7.54 9.34 -16.65
CA VAL A 234 -8.53 8.25 -16.65
C VAL A 234 -9.83 8.67 -17.34
N GLU A 235 -10.31 9.86 -17.00
CA GLU A 235 -11.54 10.40 -17.58
C GLU A 235 -11.47 10.46 -19.11
N GLU A 236 -10.30 10.84 -19.64
CA GLU A 236 -10.14 11.02 -21.10
C GLU A 236 -9.88 9.72 -21.85
N SER A 237 -9.63 8.63 -21.11
CA SER A 237 -9.30 7.35 -21.70
C SER A 237 -10.51 6.44 -21.90
N GLY A 238 -11.63 6.74 -21.23
CA GLY A 238 -12.78 5.83 -21.27
C GLY A 238 -14.01 6.32 -20.52
N ASP A 239 -14.82 5.36 -20.09
CA ASP A 239 -16.14 5.65 -19.53
C ASP A 239 -16.20 5.50 -18.01
N GLN A 240 -15.04 5.48 -17.36
CA GLN A 240 -14.99 5.25 -15.92
C GLN A 240 -15.22 6.46 -15.03
N LEU A 241 -15.27 7.65 -15.64
CA LEU A 241 -15.20 8.90 -14.89
C LEU A 241 -15.61 10.07 -15.79
N THR A 242 -16.45 10.97 -15.29
CA THR A 242 -16.79 12.18 -16.04
C THR A 242 -16.06 13.38 -15.48
N GLU A 243 -16.01 14.48 -16.24
CA GLU A 243 -15.42 15.71 -15.71
C GLU A 243 -16.15 16.18 -14.45
N ASP A 244 -17.49 16.15 -14.47
CA ASP A 244 -18.29 16.54 -13.31
C ASP A 244 -17.94 15.73 -12.07
N GLU A 245 -17.67 14.45 -12.27
CA GLU A 245 -17.24 13.59 -11.17
C GLU A 245 -15.83 13.92 -10.65
N ILE A 246 -14.94 14.34 -11.53
CA ILE A 246 -13.61 14.79 -11.09
C ILE A 246 -13.77 16.01 -10.18
N ILE A 247 -14.62 16.93 -10.61
CA ILE A 247 -14.88 18.15 -9.84
C ILE A 247 -15.41 17.82 -8.46
N ALA A 248 -16.43 16.97 -8.40
CA ALA A 248 -17.06 16.61 -7.13
C ALA A 248 -16.04 15.90 -6.22
N THR A 249 -15.27 14.99 -6.80
CA THR A 249 -14.25 14.24 -6.04
C THR A 249 -13.18 15.17 -5.45
N CYS A 250 -12.63 16.05 -6.30
CA CYS A 250 -11.58 16.97 -5.87
C CYS A 250 -12.08 17.98 -4.84
N ASN A 251 -13.32 18.43 -5.01
CA ASN A 251 -13.96 19.31 -4.04
C ASN A 251 -13.99 18.62 -2.67
N LEU A 252 -14.45 17.38 -2.67
CA LEU A 252 -14.55 16.59 -1.43
C LEU A 252 -13.17 16.52 -0.77
N LEU A 253 -12.17 16.14 -1.57
CA LEU A 253 -10.81 15.92 -1.04
C LEU A 253 -10.20 17.21 -0.50
N LEU A 254 -10.36 18.31 -1.25
CA LEU A 254 -9.86 19.62 -0.84
C LEU A 254 -10.44 20.05 0.50
N ILE A 255 -11.77 19.95 0.61
CA ILE A 255 -12.46 20.36 1.83
C ILE A 255 -12.06 19.48 3.02
N ALA A 256 -12.05 18.15 2.83
CA ALA A 256 -11.55 17.24 3.88
C ALA A 256 -10.15 17.63 4.34
N GLY A 257 -9.29 18.00 3.39
CA GLY A 257 -7.93 18.43 3.71
C GLY A 257 -7.84 19.73 4.51
N HIS A 258 -8.86 20.57 4.39
CA HIS A 258 -8.91 21.85 5.10
C HIS A 258 -9.57 21.84 6.47
N GLU A 259 -10.47 20.87 6.70
CA GLU A 259 -11.47 21.01 7.77
C GLU A 259 -11.55 19.88 8.79
N THR A 260 -10.52 19.04 8.82
CA THR A 260 -10.56 17.84 9.65
C THR A 260 -9.33 17.71 10.54
N THR A 261 -8.16 17.46 9.91
CA THR A 261 -6.93 17.17 10.64
C THR A 261 -6.57 18.33 11.57
N VAL A 262 -6.89 19.56 11.14
CA VAL A 262 -6.70 20.74 12.00
C VAL A 262 -7.26 20.46 13.39
N ASN A 263 -8.45 19.86 13.45
CA ASN A 263 -9.12 19.61 14.72
C ASN A 263 -8.61 18.40 15.48
N LEU A 264 -8.07 17.43 14.76
CA LEU A 264 -7.38 16.33 15.42
C LEU A 264 -6.16 16.87 16.16
N ILE A 265 -5.36 17.69 15.47
CA ILE A 265 -4.17 18.29 16.09
C ILE A 265 -4.57 19.19 17.27
N ALA A 266 -5.51 20.11 17.04
CA ALA A 266 -5.85 21.08 18.09
C ALA A 266 -6.56 20.43 19.28
N ASN A 267 -7.47 19.49 19.00
CA ASN A 267 -8.16 18.80 20.10
C ASN A 267 -7.21 17.97 20.94
N ALA A 268 -6.21 17.37 20.28
CA ALA A 268 -5.18 16.58 20.98
C ALA A 268 -4.35 17.50 21.86
N ALA A 269 -3.93 18.65 21.30
CA ALA A 269 -3.17 19.64 22.08
C ALA A 269 -3.93 20.09 23.31
N LEU A 270 -5.20 20.44 23.11
CA LEU A 270 -6.07 20.87 24.21
C LEU A 270 -6.21 19.80 25.29
N ALA A 271 -6.44 18.55 24.88
CA ALA A 271 -6.63 17.46 25.85
C ALA A 271 -5.35 17.22 26.66
N MET A 272 -4.20 17.32 25.99
CA MET A 272 -2.93 17.16 26.69
C MET A 272 -2.71 18.30 27.69
N LEU A 273 -2.98 19.54 27.26
CA LEU A 273 -2.85 20.70 28.17
C LEU A 273 -3.77 20.61 29.39
N ARG A 274 -4.94 20.01 29.21
CA ARG A 274 -5.89 19.90 30.30
C ARG A 274 -5.71 18.68 31.19
N THR A 275 -4.88 17.73 30.79
CA THR A 275 -4.79 16.43 31.47
C THR A 275 -3.44 16.29 32.15
N PRO A 276 -3.46 16.08 33.49
CA PRO A 276 -2.22 16.08 34.28
C PRO A 276 -1.13 15.16 33.71
N GLY A 277 0.04 15.76 33.49
CA GLY A 277 1.24 15.07 33.03
C GLY A 277 1.35 14.81 31.53
N GLN A 278 0.28 15.01 30.78
CA GLN A 278 0.25 14.53 29.38
C GLN A 278 1.12 15.30 28.40
N TRP A 279 1.15 16.62 28.54
CA TRP A 279 1.98 17.45 27.66
C TRP A 279 3.44 17.14 27.93
N ALA A 280 3.80 17.11 29.21
CA ALA A 280 5.19 16.75 29.60
C ALA A 280 5.59 15.35 29.11
N ALA A 281 4.67 14.38 29.23
CA ALA A 281 4.94 13.00 28.80
C ALA A 281 5.24 12.90 27.30
N LEU A 282 4.45 13.60 26.47
CA LEU A 282 4.72 13.62 25.02
C LEU A 282 6.01 14.39 24.68
N ALA A 283 6.24 15.50 25.37
CA ALA A 283 7.46 16.29 25.17
C ALA A 283 8.70 15.44 25.41
N ALA A 284 8.60 14.55 26.41
CA ALA A 284 9.70 13.69 26.84
C ALA A 284 9.85 12.46 25.94
N ASP A 285 8.73 12.02 25.34
CA ASP A 285 8.74 10.79 24.55
C ASP A 285 7.76 10.89 23.40
N GLY A 286 8.29 11.22 22.22
CA GLY A 286 7.46 11.35 21.02
C GLY A 286 6.76 10.08 20.58
N SER A 287 7.20 8.92 21.08
CA SER A 287 6.56 7.64 20.70
C SER A 287 5.12 7.53 21.24
N ARG A 288 4.74 8.44 22.14
CA ARG A 288 3.35 8.50 22.67
C ARG A 288 2.36 9.08 21.66
N ALA A 289 2.88 9.63 20.55
CA ALA A 289 2.04 10.33 19.57
C ALA A 289 0.88 9.49 19.09
N SER A 290 1.13 8.23 18.70
CA SER A 290 0.05 7.41 18.14
C SER A 290 -1.10 7.20 19.14
N ALA A 291 -0.75 6.87 20.38
CA ALA A 291 -1.76 6.70 21.45
C ALA A 291 -2.50 8.00 21.74
N VAL A 292 -1.78 9.12 21.77
CA VAL A 292 -2.43 10.43 21.97
C VAL A 292 -3.46 10.68 20.87
N ILE A 293 -3.07 10.39 19.64
CA ILE A 293 -3.95 10.64 18.49
C ILE A 293 -5.21 9.76 18.54
N GLU A 294 -5.05 8.46 18.78
CA GLU A 294 -6.23 7.59 18.79
C GLU A 294 -7.11 7.91 19.98
N GLU A 295 -6.49 8.24 21.12
CA GLU A 295 -7.33 8.59 22.28
C GLU A 295 -8.07 9.92 22.06
N THR A 296 -7.46 10.84 21.28
CA THR A 296 -8.17 12.08 20.88
C THR A 296 -9.33 11.79 19.93
N MET A 297 -9.11 10.91 18.95
CA MET A 297 -10.22 10.48 18.08
C MET A 297 -11.41 9.96 18.89
N ARG A 298 -11.13 9.18 19.94
CA ARG A 298 -12.19 8.68 20.82
C ARG A 298 -12.79 9.80 21.68
N TYR A 299 -11.93 10.52 22.39
CA TYR A 299 -12.37 11.43 23.45
C TYR A 299 -12.94 12.76 22.94
N ASP A 300 -12.39 13.27 21.84
CA ASP A 300 -12.80 14.59 21.35
C ASP A 300 -12.77 14.59 19.83
N PRO A 301 -13.70 13.84 19.21
CA PRO A 301 -13.61 13.55 17.78
C PRO A 301 -13.79 14.79 16.91
N PRO A 302 -12.89 14.98 15.92
CA PRO A 302 -13.06 16.04 14.94
C PRO A 302 -14.41 15.95 14.21
N VAL A 303 -14.86 14.74 13.86
CA VAL A 303 -16.17 14.56 13.26
C VAL A 303 -17.11 13.99 14.31
N GLN A 304 -18.07 14.81 14.74
CA GLN A 304 -18.88 14.50 15.93
C GLN A 304 -20.03 13.53 15.63
N LEU A 305 -20.54 13.56 14.40
CA LEU A 305 -21.71 12.78 14.01
C LEU A 305 -21.70 12.55 12.50
N VAL A 306 -22.42 11.52 12.05
CA VAL A 306 -22.64 11.31 10.61
C VAL A 306 -24.10 10.95 10.39
N SER A 307 -24.58 11.01 9.13
CA SER A 307 -25.98 10.72 8.80
C SER A 307 -26.06 9.55 7.86
N ARG A 308 -27.13 8.75 8.01
CA ARG A 308 -27.50 7.73 7.03
C ARG A 308 -28.99 7.84 6.76
N TYR A 309 -29.46 7.21 5.69
CA TYR A 309 -30.91 7.19 5.38
C TYR A 309 -31.32 5.74 5.24
N ALA A 310 -32.46 5.37 5.82
CA ALA A 310 -32.93 3.99 5.71
C ALA A 310 -33.40 3.73 4.27
N GLY A 311 -32.66 2.89 3.53
CA GLY A 311 -33.01 2.54 2.14
C GLY A 311 -34.23 1.61 2.07
N ASP A 312 -34.50 0.93 3.18
CA ASP A 312 -35.71 0.13 3.42
C ASP A 312 -36.02 0.15 4.91
N ASP A 313 -37.21 -0.31 5.30
CA ASP A 313 -37.49 -0.56 6.70
C ASP A 313 -36.36 -1.44 7.23
N LEU A 314 -35.81 -1.09 8.38
CA LEU A 314 -34.67 -1.82 8.92
C LEU A 314 -34.72 -1.78 10.43
N THR A 315 -33.97 -2.69 11.06
CA THR A 315 -33.96 -2.80 12.50
C THR A 315 -32.55 -2.60 13.04
N ILE A 316 -32.44 -1.76 14.09
CA ILE A 316 -31.18 -1.56 14.79
C ILE A 316 -31.46 -1.88 16.25
N GLY A 317 -30.79 -2.91 16.78
CA GLY A 317 -31.14 -3.43 18.09
C GLY A 317 -32.56 -3.93 18.05
N THR A 318 -33.42 -3.32 18.86
CA THR A 318 -34.84 -3.68 18.87
C THR A 318 -35.71 -2.62 18.19
N HIS A 319 -35.09 -1.56 17.68
CA HIS A 319 -35.84 -0.44 17.11
C HIS A 319 -35.87 -0.49 15.59
N THR A 320 -37.05 -0.26 15.03
CA THR A 320 -37.21 -0.24 13.59
C THR A 320 -37.18 1.20 13.07
N VAL A 321 -36.54 1.39 11.93
CA VAL A 321 -36.47 2.71 11.30
C VAL A 321 -37.22 2.60 9.97
N PRO A 322 -38.25 3.43 9.79
CA PRO A 322 -39.00 3.42 8.54
C PRO A 322 -38.14 3.82 7.35
N LYS A 323 -38.36 3.16 6.21
CA LYS A 323 -37.73 3.53 4.96
C LYS A 323 -37.83 5.05 4.73
N GLY A 324 -36.70 5.69 4.43
CA GLY A 324 -36.69 7.12 4.09
C GLY A 324 -36.31 8.02 5.25
N ASP A 325 -36.33 7.50 6.47
CA ASP A 325 -36.00 8.31 7.65
C ASP A 325 -34.48 8.52 7.76
N THR A 326 -34.11 9.66 8.33
CA THR A 326 -32.69 9.97 8.62
C THR A 326 -32.27 9.33 9.91
N MET A 327 -31.10 8.71 9.89
CA MET A 327 -30.50 8.17 11.10
C MET A 327 -29.26 8.99 11.38
N LEU A 328 -29.30 9.73 12.48
CA LEU A 328 -28.13 10.48 12.94
C LEU A 328 -27.37 9.63 13.93
N LEU A 329 -26.06 9.49 13.69
CA LEU A 329 -25.19 8.69 14.55
C LEU A 329 -24.30 9.65 15.33
N LEU A 330 -24.52 9.74 16.64
CA LEU A 330 -23.75 10.64 17.48
C LEU A 330 -22.46 9.89 17.89
N LEU A 331 -21.45 9.93 17.03
CA LEU A 331 -20.21 9.23 17.26
C LEU A 331 -19.55 9.71 18.55
N ALA A 332 -19.64 11.01 18.83
CA ALA A 332 -19.11 11.54 20.08
C ALA A 332 -19.66 10.83 21.32
N ALA A 333 -20.97 10.56 21.33
CA ALA A 333 -21.58 9.77 22.40
C ALA A 333 -21.11 8.32 22.40
N ALA A 334 -21.07 7.70 21.22
CA ALA A 334 -20.72 6.29 21.10
C ALA A 334 -19.34 6.00 21.66
N HIS A 335 -18.42 6.94 21.48
CA HIS A 335 -17.04 6.80 21.93
C HIS A 335 -16.92 6.80 23.46
N ARG A 336 -17.95 7.33 24.12
CA ARG A 336 -17.98 7.40 25.58
C ARG A 336 -18.96 6.41 26.20
N ASP A 337 -19.22 5.35 25.45
CA ASP A 337 -20.14 4.29 25.89
C ASP A 337 -19.44 3.41 26.93
N PRO A 338 -19.93 3.39 28.19
CA PRO A 338 -19.26 2.59 29.24
C PRO A 338 -19.30 1.07 29.02
N THR A 339 -20.16 0.59 28.11
CA THR A 339 -20.19 -0.85 27.82
C THR A 339 -19.02 -1.28 26.94
N ILE A 340 -18.35 -0.28 26.35
CA ILE A 340 -17.22 -0.48 25.43
C ILE A 340 -15.86 -0.11 26.04
N VAL A 341 -15.85 0.92 26.88
CA VAL A 341 -14.59 1.43 27.43
C VAL A 341 -14.76 1.85 28.90
N GLY A 342 -13.75 1.55 29.71
CA GLY A 342 -13.77 1.95 31.12
C GLY A 342 -13.40 3.42 31.27
N ALA A 343 -13.95 4.09 32.30
CA ALA A 343 -13.68 5.53 32.49
C ALA A 343 -13.81 6.31 31.17
N PRO A 344 -14.95 6.16 30.47
CA PRO A 344 -15.11 6.71 29.12
C PRO A 344 -14.88 8.21 29.03
N ASP A 345 -15.17 8.93 30.12
CA ASP A 345 -15.06 10.39 30.13
C ASP A 345 -13.69 10.91 30.58
N ARG A 346 -12.73 10.00 30.68
CA ARG A 346 -11.34 10.35 31.00
C ARG A 346 -10.50 10.31 29.72
N PHE A 347 -9.63 11.32 29.54
CA PHE A 347 -8.66 11.32 28.43
C PHE A 347 -7.44 10.55 28.93
N ASP A 348 -7.25 9.34 28.40
CA ASP A 348 -6.19 8.44 28.89
C ASP A 348 -5.47 7.73 27.74
N PRO A 349 -4.41 8.37 27.19
CA PRO A 349 -3.67 7.74 26.11
C PRO A 349 -3.05 6.40 26.51
N ASP A 350 -2.95 6.12 27.80
CA ASP A 350 -2.36 4.84 28.23
C ASP A 350 -3.38 3.70 28.41
N ARG A 351 -4.65 3.96 28.11
CA ARG A 351 -5.70 2.95 28.32
C ARG A 351 -5.43 1.71 27.46
N ALA A 352 -5.89 0.56 27.95
CA ALA A 352 -5.53 -0.72 27.34
C ALA A 352 -6.13 -0.92 25.96
N GLN A 353 -7.34 -0.39 25.77
CA GLN A 353 -8.06 -0.55 24.51
C GLN A 353 -8.59 0.81 24.11
N ILE A 354 -8.16 1.32 22.96
CA ILE A 354 -8.72 2.55 22.42
C ILE A 354 -9.60 2.16 21.24
N ARG A 355 -10.92 2.29 21.41
CA ARG A 355 -11.86 1.94 20.36
C ARG A 355 -12.68 3.18 19.99
N HIS A 356 -12.76 3.47 18.70
CA HIS A 356 -13.60 4.57 18.25
C HIS A 356 -14.13 4.32 16.83
N LEU A 357 -15.04 5.18 16.41
CA LEU A 357 -15.58 5.20 15.05
C LEU A 357 -15.31 6.56 14.43
N GLY A 358 -14.24 7.19 14.88
CA GLY A 358 -13.92 8.58 14.48
C GLY A 358 -13.59 8.77 13.01
N PHE A 359 -13.21 7.67 12.34
CA PHE A 359 -12.95 7.66 10.89
C PHE A 359 -14.05 6.85 10.18
N GLY A 360 -15.15 6.60 10.88
CA GLY A 360 -16.25 5.81 10.34
C GLY A 360 -15.96 4.32 10.39
N LYS A 361 -16.65 3.57 9.55
CA LYS A 361 -16.51 2.10 9.52
C LYS A 361 -17.21 1.51 8.30
N GLY A 362 -16.55 0.60 7.61
CA GLY A 362 -17.17 -0.13 6.49
C GLY A 362 -16.99 0.56 5.16
N ALA A 363 -18.07 0.64 4.38
CA ALA A 363 -18.00 1.11 2.98
C ALA A 363 -17.38 2.50 2.82
N HIS A 364 -17.74 3.40 3.72
CA HIS A 364 -17.30 4.80 3.59
C HIS A 364 -16.18 5.16 4.58
N PHE A 365 -15.49 4.14 5.10
CA PHE A 365 -14.38 4.38 6.03
C PHE A 365 -13.44 5.45 5.47
N CYS A 366 -13.04 6.40 6.33
CA CYS A 366 -12.23 7.56 5.90
C CYS A 366 -11.03 7.20 5.02
N LEU A 367 -11.01 7.73 3.80
CA LEU A 367 -9.87 7.53 2.89
C LEU A 367 -8.64 8.30 3.33
N GLY A 368 -8.87 9.36 4.10
CA GLY A 368 -7.80 10.22 4.56
C GLY A 368 -7.13 9.77 5.84
N ALA A 369 -7.58 8.64 6.42
CA ALA A 369 -7.10 8.31 7.77
C ALA A 369 -5.55 8.13 7.84
N PRO A 370 -4.94 7.44 6.86
CA PRO A 370 -3.46 7.36 6.92
C PRO A 370 -2.78 8.73 6.84
N LEU A 371 -3.27 9.60 5.96
CA LEU A 371 -2.75 10.96 5.86
C LEU A 371 -2.96 11.80 7.12
N ALA A 372 -4.19 11.81 7.66
CA ALA A 372 -4.48 12.54 8.89
C ALA A 372 -3.61 12.04 10.04
N ARG A 373 -3.49 10.73 10.16
CA ARG A 373 -2.61 10.16 11.20
C ARG A 373 -1.17 10.60 11.05
N LEU A 374 -0.66 10.56 9.82
CA LEU A 374 0.72 10.96 9.57
C LEU A 374 0.95 12.43 9.89
N GLU A 375 0.05 13.29 9.43
CA GLU A 375 0.13 14.73 9.70
C GLU A 375 0.22 14.99 11.20
N ALA A 376 -0.67 14.34 11.95
CA ALA A 376 -0.73 14.57 13.40
C ALA A 376 0.43 13.92 14.14
N THR A 377 0.86 12.76 13.65
CA THR A 377 2.01 12.03 14.23
C THR A 377 3.28 12.83 14.13
N VAL A 378 3.46 13.56 13.04
CA VAL A 378 4.65 14.42 12.91
C VAL A 378 4.46 15.70 13.75
N ALA A 379 3.32 16.36 13.57
CA ALA A 379 3.05 17.65 14.22
C ALA A 379 3.08 17.64 15.76
N LEU A 380 2.39 16.68 16.39
CA LEU A 380 2.17 16.75 17.83
C LEU A 380 3.43 16.58 18.69
N PRO A 381 4.21 15.50 18.48
CA PRO A 381 5.42 15.38 19.30
C PRO A 381 6.44 16.52 19.03
N ALA A 382 6.47 17.04 17.81
CA ALA A 382 7.36 18.17 17.49
C ALA A 382 6.94 19.42 18.27
N LEU A 383 5.64 19.67 18.32
CA LEU A 383 5.08 20.79 19.07
C LEU A 383 5.39 20.69 20.56
N ALA A 384 5.18 19.51 21.14
CA ALA A 384 5.40 19.30 22.57
C ALA A 384 6.87 19.44 22.94
N ALA A 385 7.72 18.80 22.13
CA ALA A 385 9.18 18.87 22.32
C ALA A 385 9.73 20.28 22.18
N ARG A 386 9.17 21.06 21.24
CA ARG A 386 9.59 22.45 21.04
C ARG A 386 9.24 23.35 22.23
N PHE A 387 8.04 23.15 22.79
CA PHE A 387 7.54 23.96 23.91
C PHE A 387 7.14 23.09 25.09
N PRO A 388 8.12 22.45 25.76
CA PRO A 388 7.81 21.51 26.85
C PRO A 388 7.11 22.16 28.05
N GLU A 389 7.28 23.47 28.22
CA GLU A 389 6.67 24.17 29.34
C GLU A 389 5.34 24.84 28.96
N ALA A 390 4.80 24.49 27.79
CA ALA A 390 3.54 25.07 27.32
C ALA A 390 2.39 24.93 28.30
N ARG A 391 1.59 25.99 28.41
CA ARG A 391 0.35 25.97 29.18
C ARG A 391 -0.76 26.62 28.37
N LEU A 392 -1.98 26.16 28.60
CA LEU A 392 -3.16 26.80 28.03
C LEU A 392 -3.30 28.24 28.52
N SER A 393 -3.47 29.17 27.59
CA SER A 393 -3.68 30.57 27.91
C SER A 393 -5.17 30.96 27.71
N GLY A 394 -5.89 31.11 28.81
CA GLY A 394 -7.32 31.44 28.76
C GLY A 394 -8.16 30.25 28.36
N GLU A 395 -9.33 30.51 27.79
CA GLU A 395 -10.18 29.42 27.31
C GLU A 395 -10.34 29.51 25.80
N PRO A 396 -10.34 28.34 25.11
CA PRO A 396 -10.40 28.40 23.65
C PRO A 396 -11.75 28.90 23.12
N GLU A 397 -11.74 29.44 21.92
CA GLU A 397 -12.97 29.86 21.24
C GLU A 397 -13.33 28.85 20.17
N TYR A 398 -14.61 28.49 20.08
CA TYR A 398 -15.07 27.49 19.11
C TYR A 398 -15.79 28.13 17.94
N LYS A 399 -15.62 27.54 16.76
CA LYS A 399 -16.49 27.80 15.61
C LYS A 399 -17.92 27.37 15.94
N ARG A 400 -18.87 27.82 15.14
CA ARG A 400 -20.26 27.44 15.36
C ARG A 400 -20.52 25.99 14.97
N ASN A 401 -19.67 25.44 14.09
CA ASN A 401 -19.85 24.09 13.53
C ASN A 401 -20.18 23.06 14.58
N LEU A 402 -21.15 22.19 14.27
CA LEU A 402 -21.43 21.04 15.12
C LEU A 402 -20.76 19.75 14.60
N THR A 403 -20.96 19.44 13.32
CA THR A 403 -20.47 18.17 12.77
C THR A 403 -18.94 18.16 12.70
N LEU A 404 -18.37 19.14 12.00
CA LEU A 404 -16.92 19.33 11.95
C LEU A 404 -16.52 20.42 12.94
N ARG A 405 -16.58 20.03 14.21
CA ARG A 405 -16.46 20.93 15.34
C ARG A 405 -14.99 21.22 15.61
N GLY A 406 -14.66 22.49 15.84
CA GLY A 406 -13.30 22.85 16.12
C GLY A 406 -13.12 24.26 16.66
N MET A 407 -11.91 24.51 17.17
CA MET A 407 -11.56 25.81 17.74
C MET A 407 -11.13 26.78 16.64
N SER A 408 -11.50 28.04 16.80
CA SER A 408 -10.94 29.11 15.98
C SER A 408 -9.71 29.68 16.69
N THR A 409 -9.70 29.61 18.02
CA THR A 409 -8.55 30.05 18.81
C THR A 409 -8.20 29.03 19.90
N LEU A 410 -6.94 28.64 19.92
CA LEU A 410 -6.36 27.84 20.99
C LEU A 410 -5.04 28.50 21.36
N SER A 411 -5.07 29.26 22.44
CA SER A 411 -3.93 30.09 22.82
C SER A 411 -3.02 29.31 23.76
N ILE A 412 -1.75 29.22 23.39
CA ILE A 412 -0.75 28.51 24.19
C ILE A 412 0.31 29.51 24.65
N ALA A 413 0.56 29.56 25.96
CA ALA A 413 1.71 30.30 26.51
C ALA A 413 2.93 29.38 26.53
N VAL A 414 4.03 29.82 25.91
CA VAL A 414 5.19 28.93 25.72
C VAL A 414 6.11 28.80 26.95
N ALA B 15 -29.62 -11.92 1.19
CA ALA B 15 -28.31 -11.79 0.49
C ALA B 15 -27.17 -11.77 1.52
N GLN B 16 -26.90 -10.58 2.06
CA GLN B 16 -26.06 -10.45 3.25
C GLN B 16 -26.80 -11.01 4.48
N GLY B 17 -28.13 -11.01 4.41
CA GLY B 17 -28.97 -11.67 5.40
C GLY B 17 -28.78 -13.18 5.43
N LEU B 18 -28.62 -13.80 4.26
CA LEU B 18 -28.36 -15.25 4.16
C LEU B 18 -27.04 -15.62 4.83
N LEU B 19 -26.02 -14.79 4.62
CA LEU B 19 -24.71 -15.04 5.23
C LEU B 19 -24.77 -14.99 6.75
N LEU B 20 -25.54 -14.05 7.30
CA LEU B 20 -25.70 -13.97 8.75
C LEU B 20 -26.54 -15.12 9.31
N GLN B 21 -27.48 -15.63 8.52
CA GLN B 21 -28.21 -16.84 8.91
C GLN B 21 -27.26 -18.04 9.08
N LEU B 22 -26.24 -18.15 8.22
CA LEU B 22 -25.21 -19.19 8.35
C LEU B 22 -24.51 -19.18 9.68
N LEU B 23 -24.22 -17.97 10.20
CA LEU B 23 -23.54 -17.84 11.49
C LEU B 23 -24.46 -18.08 12.68
N ASP B 24 -25.75 -17.82 12.48
CA ASP B 24 -26.77 -18.07 13.51
C ASP B 24 -26.74 -19.54 13.95
N PRO B 25 -26.50 -19.78 15.26
CA PRO B 25 -26.48 -21.12 15.85
C PRO B 25 -27.74 -21.93 15.58
N ALA B 26 -28.88 -21.26 15.40
CA ALA B 26 -30.15 -21.95 15.12
C ALA B 26 -30.10 -22.77 13.82
N THR B 27 -29.23 -22.40 12.90
CA THR B 27 -29.15 -23.08 11.60
C THR B 27 -28.05 -24.15 11.55
N ARG B 28 -27.30 -24.33 12.63
CA ARG B 28 -26.13 -25.20 12.59
C ARG B 28 -26.45 -26.66 12.30
N ALA B 29 -27.57 -27.16 12.80
CA ALA B 29 -27.92 -28.55 12.55
C ALA B 29 -28.18 -28.84 11.08
N ASP B 30 -28.68 -27.84 10.34
CA ASP B 30 -28.98 -28.03 8.94
C ASP B 30 -28.77 -26.74 8.12
N PRO B 31 -27.51 -26.44 7.78
CA PRO B 31 -27.25 -25.20 7.06
C PRO B 31 -27.48 -25.35 5.55
N TYR B 32 -27.78 -26.58 5.11
CA TYR B 32 -27.76 -26.90 3.68
C TYR B 32 -28.82 -26.18 2.81
N PRO B 33 -30.06 -25.97 3.34
CA PRO B 33 -31.01 -25.13 2.57
C PRO B 33 -30.43 -23.74 2.28
N ILE B 34 -29.77 -23.14 3.27
CA ILE B 34 -29.12 -21.83 3.09
C ILE B 34 -27.97 -21.85 2.08
N TYR B 35 -27.09 -22.84 2.20
CA TYR B 35 -25.98 -23.00 1.26
C TYR B 35 -26.49 -23.17 -0.17
N ASP B 36 -27.46 -24.06 -0.35
CA ASP B 36 -28.06 -24.29 -1.66
C ASP B 36 -28.72 -23.02 -2.21
N ARG B 37 -29.43 -22.29 -1.37
CA ARG B 37 -30.08 -21.02 -1.77
C ARG B 37 -29.06 -19.99 -2.25
N ILE B 38 -27.98 -19.83 -1.49
CA ILE B 38 -26.86 -18.96 -1.86
C ILE B 38 -26.28 -19.37 -3.23
N ARG B 39 -25.98 -20.66 -3.41
CA ARG B 39 -25.40 -21.11 -4.67
C ARG B 39 -26.33 -20.85 -5.87
N ARG B 40 -27.62 -21.08 -5.68
CA ARG B 40 -28.62 -20.86 -6.74
C ARG B 40 -28.60 -19.40 -7.22
N GLY B 41 -28.39 -18.49 -6.28
CA GLY B 41 -28.32 -17.05 -6.55
C GLY B 41 -27.07 -16.62 -7.27
N GLY B 42 -26.03 -17.46 -7.27
CA GLY B 42 -24.80 -17.16 -7.99
C GLY B 42 -23.73 -16.57 -7.09
N PRO B 43 -22.58 -16.19 -7.69
CA PRO B 43 -21.49 -15.57 -6.92
C PRO B 43 -21.93 -14.25 -6.31
N LEU B 44 -21.40 -13.98 -5.13
CA LEU B 44 -21.79 -12.84 -4.36
C LEU B 44 -20.64 -11.85 -4.30
N ALA B 45 -20.75 -10.77 -5.06
CA ALA B 45 -19.74 -9.72 -5.09
C ALA B 45 -20.17 -8.60 -4.15
N LEU B 46 -19.44 -8.46 -3.04
CA LEU B 46 -19.77 -7.45 -2.03
C LEU B 46 -18.58 -6.52 -1.80
N PRO B 47 -18.17 -5.78 -2.85
CA PRO B 47 -16.98 -4.96 -2.71
C PRO B 47 -17.07 -3.90 -1.59
N GLU B 48 -18.29 -3.45 -1.26
CA GLU B 48 -18.44 -2.46 -0.15
C GLU B 48 -18.07 -3.05 1.22
N ALA B 49 -18.11 -4.38 1.33
CA ALA B 49 -17.69 -5.12 2.52
C ALA B 49 -16.31 -5.78 2.34
N ASN B 50 -15.62 -5.37 1.26
CA ASN B 50 -14.33 -5.96 0.87
C ASN B 50 -14.38 -7.49 0.78
N LEU B 51 -15.46 -7.99 0.22
CA LEU B 51 -15.80 -9.41 0.29
C LEU B 51 -16.36 -9.94 -1.02
N ALA B 52 -16.10 -11.21 -1.28
CA ALA B 52 -16.75 -11.93 -2.37
C ALA B 52 -17.00 -13.32 -1.84
N VAL B 53 -18.19 -13.84 -2.09
CA VAL B 53 -18.53 -15.18 -1.60
C VAL B 53 -18.87 -16.08 -2.79
N PHE B 54 -18.07 -17.14 -2.94
CA PHE B 54 -18.24 -18.11 -4.02
C PHE B 54 -18.80 -19.40 -3.47
N SER B 55 -19.65 -20.06 -4.26
CA SER B 55 -20.38 -21.20 -3.79
C SER B 55 -20.53 -22.31 -4.83
N SER B 56 -20.27 -22.00 -6.11
CA SER B 56 -20.29 -23.05 -7.14
C SER B 56 -19.00 -23.86 -7.10
N PHE B 57 -19.06 -25.11 -7.57
CA PHE B 57 -17.86 -25.96 -7.59
C PHE B 57 -16.79 -25.28 -8.43
N SER B 58 -17.19 -24.83 -9.61
CA SER B 58 -16.29 -24.17 -10.57
C SER B 58 -15.57 -22.97 -9.95
N ASP B 59 -16.33 -22.06 -9.33
CA ASP B 59 -15.73 -20.84 -8.77
C ASP B 59 -14.77 -21.20 -7.63
N CYS B 60 -15.18 -22.11 -6.73
CA CYS B 60 -14.33 -22.49 -5.60
C CYS B 60 -13.03 -23.16 -6.07
N ASP B 61 -13.16 -24.07 -7.03
CA ASP B 61 -12.03 -24.74 -7.68
C ASP B 61 -11.09 -23.68 -8.28
N ASP B 62 -11.67 -22.76 -9.04
CA ASP B 62 -10.90 -21.68 -9.70
C ASP B 62 -10.13 -20.81 -8.70
N VAL B 63 -10.77 -20.44 -7.59
CA VAL B 63 -10.08 -19.60 -6.59
C VAL B 63 -8.90 -20.35 -5.97
N LEU B 64 -9.11 -21.62 -5.62
CA LEU B 64 -8.07 -22.42 -4.99
C LEU B 64 -6.84 -22.56 -5.86
N ARG B 65 -7.05 -22.64 -7.16
CA ARG B 65 -5.97 -22.76 -8.12
C ARG B 65 -5.37 -21.45 -8.62
N HIS B 66 -6.05 -20.33 -8.37
CA HIS B 66 -5.65 -19.05 -8.99
C HIS B 66 -4.32 -18.59 -8.43
N PRO B 67 -3.34 -18.28 -9.32
CA PRO B 67 -2.01 -17.85 -8.84
C PRO B 67 -2.02 -16.55 -8.03
N SER B 68 -3.05 -15.72 -8.16
CA SER B 68 -3.18 -14.50 -7.33
C SER B 68 -3.98 -14.67 -6.03
N SER B 69 -4.55 -15.85 -5.78
CA SER B 69 -5.19 -16.10 -4.48
C SER B 69 -4.13 -16.30 -3.39
N CYS B 70 -4.26 -15.57 -2.29
CA CYS B 70 -3.27 -15.59 -1.22
C CYS B 70 -3.93 -16.13 0.03
N SER B 71 -3.13 -16.77 0.88
CA SER B 71 -3.59 -17.24 2.18
C SER B 71 -3.05 -16.38 3.35
N ASP B 72 -2.12 -15.48 3.07
CA ASP B 72 -1.51 -14.63 4.10
C ASP B 72 -2.40 -13.42 4.38
N ARG B 73 -2.92 -13.36 5.60
CA ARG B 73 -3.77 -12.27 6.12
C ARG B 73 -3.24 -10.86 5.91
N THR B 74 -1.92 -10.70 5.84
CA THR B 74 -1.31 -9.39 5.62
C THR B 74 -1.71 -8.77 4.27
N LYS B 75 -2.19 -9.61 3.36
CA LYS B 75 -2.66 -9.14 2.05
C LYS B 75 -4.15 -8.76 2.04
N SER B 76 -4.77 -8.77 3.22
CA SER B 76 -6.20 -8.54 3.36
C SER B 76 -6.50 -7.11 3.77
N THR B 77 -7.40 -6.46 3.05
CA THR B 77 -7.86 -5.11 3.42
C THR B 77 -8.57 -5.15 4.79
N ILE B 78 -9.42 -6.15 4.98
CA ILE B 78 -10.20 -6.28 6.22
C ILE B 78 -9.23 -6.41 7.40
N PHE B 79 -8.22 -7.27 7.26
CA PHE B 79 -7.23 -7.47 8.32
C PHE B 79 -6.36 -6.22 8.57
N GLN B 80 -5.88 -5.59 7.50
CA GLN B 80 -5.09 -4.36 7.61
C GLN B 80 -5.85 -3.22 8.31
N ARG B 81 -7.15 -3.10 8.01
CA ARG B 81 -8.02 -2.15 8.72
C ARG B 81 -8.23 -2.55 10.19
N GLN B 82 -8.47 -3.84 10.45
CA GLN B 82 -8.68 -4.32 11.83
C GLN B 82 -7.47 -4.02 12.71
N LEU B 83 -6.28 -4.24 12.15
CA LEU B 83 -5.02 -3.85 12.82
C LEU B 83 -5.02 -2.38 13.21
N ALA B 84 -5.38 -1.52 12.28
CA ALA B 84 -5.48 -0.08 12.54
C ALA B 84 -6.61 0.20 13.52
N PRO B 94 5.27 -15.91 14.02
CA PRO B 94 4.72 -16.08 12.67
C PRO B 94 3.46 -16.93 12.66
N ALA B 95 2.60 -16.72 11.66
CA ALA B 95 1.47 -17.61 11.40
C ALA B 95 2.01 -18.96 10.93
N SER B 96 1.23 -20.03 11.13
CA SER B 96 1.60 -21.35 10.57
C SER B 96 1.46 -21.29 9.05
N PHE B 97 2.01 -22.30 8.36
CA PHE B 97 2.07 -22.24 6.88
C PHE B 97 0.71 -22.40 6.19
N LEU B 98 -0.30 -22.85 6.94
CA LEU B 98 -1.71 -22.80 6.46
C LEU B 98 -2.08 -21.37 6.04
N PHE B 99 -1.53 -20.39 6.74
CA PHE B 99 -1.82 -18.98 6.48
C PHE B 99 -0.62 -18.24 5.88
N LEU B 100 0.22 -18.94 5.11
CA LEU B 100 1.36 -18.29 4.46
C LEU B 100 1.34 -18.56 2.97
N ASP B 101 2.03 -17.70 2.24
CA ASP B 101 2.19 -17.86 0.79
C ASP B 101 3.64 -18.22 0.50
N PRO B 102 3.94 -18.62 -0.74
CA PRO B 102 5.36 -18.85 -1.09
C PRO B 102 6.19 -17.57 -0.97
N PRO B 103 7.51 -17.67 -0.71
CA PRO B 103 8.26 -18.93 -0.63
C PRO B 103 8.15 -19.66 0.73
N ASP B 104 7.75 -18.95 1.78
CA ASP B 104 7.76 -19.57 3.11
C ASP B 104 6.81 -20.78 3.13
N HIS B 105 5.65 -20.65 2.49
CA HIS B 105 4.72 -21.78 2.51
C HIS B 105 5.39 -23.03 1.92
N THR B 106 6.08 -22.83 0.80
CA THR B 106 6.69 -23.94 0.07
C THR B 106 7.74 -24.65 0.94
N ARG B 107 8.56 -23.85 1.61
CA ARG B 107 9.62 -24.38 2.47
C ARG B 107 9.03 -25.16 3.65
N LEU B 108 8.08 -24.54 4.34
CA LEU B 108 7.58 -25.09 5.59
C LEU B 108 6.73 -26.34 5.36
N ARG B 109 5.85 -26.28 4.35
CA ARG B 109 5.10 -27.48 3.95
C ARG B 109 6.06 -28.60 3.54
N GLY B 110 7.11 -28.26 2.80
CA GLY B 110 8.09 -29.24 2.34
C GLY B 110 8.76 -29.98 3.48
N LEU B 111 8.96 -29.30 4.60
CA LEU B 111 9.63 -29.89 5.75
C LEU B 111 8.80 -30.95 6.47
N VAL B 112 7.48 -30.86 6.39
CA VAL B 112 6.62 -31.86 7.07
C VAL B 112 5.87 -32.81 6.13
N SER B 113 5.97 -32.61 4.82
CA SER B 113 5.15 -33.40 3.92
C SER B 113 5.48 -34.89 3.90
N LYS B 114 6.77 -35.22 4.02
CA LYS B 114 7.17 -36.63 4.06
C LYS B 114 6.60 -37.36 5.27
N ALA B 115 6.58 -36.68 6.42
CA ALA B 115 6.01 -37.24 7.65
C ALA B 115 4.52 -37.62 7.51
N PHE B 116 3.81 -36.97 6.59
CA PHE B 116 2.38 -37.24 6.42
C PHE B 116 2.04 -38.01 5.14
N ALA B 117 3.05 -38.49 4.43
CA ALA B 117 2.85 -39.22 3.19
C ALA B 117 2.18 -40.58 3.50
N PRO B 118 1.34 -41.10 2.58
CA PRO B 118 0.65 -42.38 2.77
C PRO B 118 1.53 -43.50 3.34
N ARG B 119 2.74 -43.65 2.80
CA ARG B 119 3.64 -44.75 3.19
C ARG B 119 4.02 -44.68 4.66
N VAL B 120 4.26 -43.46 5.14
CA VAL B 120 4.60 -43.23 6.54
C VAL B 120 3.36 -43.40 7.42
N ILE B 121 2.25 -42.80 6.99
CA ILE B 121 0.99 -42.87 7.75
C ILE B 121 0.44 -44.31 7.89
N LYS B 122 0.65 -45.12 6.86
CA LYS B 122 0.20 -46.54 6.90
C LYS B 122 0.79 -47.33 8.08
N ARG B 123 1.95 -46.91 8.55
CA ARG B 123 2.62 -47.55 9.71
C ARG B 123 1.82 -47.42 10.99
N LEU B 124 0.88 -46.48 11.00
CA LEU B 124 0.05 -46.20 12.17
C LEU B 124 -1.19 -47.09 12.30
N GLU B 125 -1.46 -47.89 11.27
CA GLU B 125 -2.68 -48.71 11.27
C GLU B 125 -2.81 -49.62 12.52
N PRO B 126 -1.74 -50.34 12.92
CA PRO B 126 -1.85 -51.16 14.14
C PRO B 126 -2.25 -50.34 15.39
N GLU B 127 -1.60 -49.19 15.61
CA GLU B 127 -1.91 -48.31 16.75
C GLU B 127 -3.38 -47.83 16.73
N ILE B 128 -3.82 -47.42 15.55
CA ILE B 128 -5.18 -46.93 15.33
C ILE B 128 -6.19 -48.06 15.58
N THR B 129 -5.89 -49.25 15.07
CA THR B 129 -6.77 -50.40 15.23
C THR B 129 -6.90 -50.79 16.71
N ALA B 130 -5.78 -50.78 17.44
CA ALA B 130 -5.79 -51.14 18.86
C ALA B 130 -6.58 -50.09 19.66
N LEU B 131 -6.38 -48.81 19.35
CA LEU B 131 -7.15 -47.72 19.96
C LEU B 131 -8.66 -47.84 19.74
N VAL B 132 -9.07 -48.02 18.48
CA VAL B 132 -10.48 -48.21 18.14
C VAL B 132 -11.09 -49.39 18.94
N ASP B 133 -10.38 -50.51 18.98
CA ASP B 133 -10.86 -51.69 19.69
C ASP B 133 -11.04 -51.42 21.19
N GLN B 134 -10.04 -50.79 21.79
CA GLN B 134 -10.06 -50.39 23.19
C GLN B 134 -11.25 -49.45 23.48
N LEU B 135 -11.43 -48.43 22.65
CA LEU B 135 -12.51 -47.46 22.82
C LEU B 135 -13.90 -48.11 22.66
N LEU B 136 -14.04 -49.00 21.69
CA LEU B 136 -15.30 -49.70 21.48
C LEU B 136 -15.61 -50.67 22.64
N ASP B 137 -14.55 -51.30 23.15
CA ASP B 137 -14.68 -52.20 24.31
C ASP B 137 -15.20 -51.49 25.56
N ALA B 138 -14.88 -50.20 25.69
CA ALA B 138 -15.22 -49.44 26.88
C ALA B 138 -16.62 -48.83 26.83
N VAL B 139 -17.26 -48.93 25.67
CA VAL B 139 -18.62 -48.42 25.47
C VAL B 139 -19.62 -49.29 26.24
N ASP B 140 -20.44 -48.63 27.07
CA ASP B 140 -21.52 -49.29 27.79
C ASP B 140 -22.86 -48.79 27.25
N GLY B 141 -23.78 -49.73 26.99
CA GLY B 141 -25.16 -49.39 26.60
C GLY B 141 -25.99 -48.90 27.77
N PRO B 142 -27.28 -48.61 27.54
CA PRO B 142 -28.01 -48.76 26.29
C PRO B 142 -27.81 -47.60 25.30
N GLU B 143 -27.24 -46.49 25.78
CA GLU B 143 -27.01 -45.30 24.95
C GLU B 143 -25.62 -44.72 25.24
N PHE B 144 -24.97 -44.18 24.21
CA PHE B 144 -23.67 -43.52 24.38
C PHE B 144 -23.42 -42.38 23.37
N ASN B 145 -22.59 -41.44 23.79
CA ASN B 145 -22.19 -40.31 22.99
C ASN B 145 -20.98 -40.72 22.14
N LEU B 146 -21.19 -40.89 20.83
CA LEU B 146 -20.11 -41.24 19.92
C LEU B 146 -18.95 -40.23 20.00
N ILE B 147 -19.25 -38.96 20.22
CA ILE B 147 -18.21 -37.92 20.26
C ILE B 147 -17.17 -38.24 21.34
N ASP B 148 -17.63 -38.33 22.59
CA ASP B 148 -16.74 -38.54 23.74
C ASP B 148 -16.10 -39.91 23.75
N ASN B 149 -16.84 -40.92 23.29
CA ASN B 149 -16.38 -42.30 23.40
C ASN B 149 -15.49 -42.83 22.29
N LEU B 150 -15.47 -42.15 21.14
CA LEU B 150 -14.71 -42.64 19.98
C LEU B 150 -14.20 -41.56 19.04
N ALA B 151 -15.11 -40.74 18.51
CA ALA B 151 -14.78 -39.84 17.41
C ALA B 151 -13.72 -38.82 17.83
N TYR B 152 -13.87 -38.29 19.05
CA TYR B 152 -12.89 -37.35 19.59
C TYR B 152 -11.57 -37.99 20.11
N PRO B 153 -11.64 -39.00 20.99
CA PRO B 153 -10.37 -39.48 21.59
C PRO B 153 -9.42 -40.20 20.61
N LEU B 154 -9.94 -40.88 19.60
CA LEU B 154 -9.04 -41.58 18.67
C LEU B 154 -8.03 -40.61 17.98
N PRO B 155 -8.53 -39.58 17.25
CA PRO B 155 -7.60 -38.65 16.56
C PRO B 155 -6.65 -37.93 17.52
N VAL B 156 -7.14 -37.64 18.73
CA VAL B 156 -6.32 -37.00 19.76
C VAL B 156 -5.13 -37.86 20.19
N ALA B 157 -5.38 -39.15 20.45
CA ALA B 157 -4.29 -40.04 20.88
C ALA B 157 -3.21 -40.14 19.81
N VAL B 158 -3.65 -40.26 18.56
CA VAL B 158 -2.76 -40.41 17.41
C VAL B 158 -1.88 -39.17 17.21
N ILE B 159 -2.50 -37.99 17.18
CA ILE B 159 -1.73 -36.76 16.92
C ILE B 159 -0.75 -36.46 18.07
N CYS B 160 -1.16 -36.71 19.32
CA CYS B 160 -0.25 -36.48 20.46
C CYS B 160 1.00 -37.35 20.38
N ARG B 161 0.80 -38.63 20.04
CA ARG B 161 1.90 -39.56 19.85
C ARG B 161 2.82 -39.12 18.70
N LEU B 162 2.21 -38.71 17.58
CA LEU B 162 2.96 -38.31 16.39
C LEU B 162 3.88 -37.11 16.70
N LEU B 163 3.34 -36.11 17.39
CA LEU B 163 4.07 -34.88 17.66
C LEU B 163 5.03 -34.99 18.83
N GLY B 164 4.72 -35.87 19.77
CA GLY B 164 5.52 -36.02 20.98
C GLY B 164 4.95 -35.27 22.16
N VAL B 165 3.65 -34.99 22.12
CA VAL B 165 2.97 -34.27 23.18
C VAL B 165 2.43 -35.30 24.20
N PRO B 166 2.77 -35.16 25.51
CA PRO B 166 2.33 -36.14 26.51
C PRO B 166 0.81 -36.20 26.63
N ILE B 167 0.24 -37.39 26.45
CA ILE B 167 -1.22 -37.57 26.48
C ILE B 167 -1.83 -37.10 27.79
N GLU B 168 -1.07 -37.13 28.88
CA GLU B 168 -1.54 -36.64 30.19
C GLU B 168 -1.79 -35.12 30.26
N ASP B 169 -1.30 -34.37 29.27
CA ASP B 169 -1.52 -32.93 29.18
C ASP B 169 -2.76 -32.60 28.32
N GLU B 170 -3.39 -33.63 27.78
CA GLU B 170 -4.56 -33.49 26.91
C GLU B 170 -5.69 -32.59 27.44
N PRO B 171 -6.04 -32.72 28.74
CA PRO B 171 -7.06 -31.80 29.26
C PRO B 171 -6.86 -30.34 28.82
N LYS B 172 -5.64 -29.82 28.98
CA LYS B 172 -5.31 -28.44 28.58
C LYS B 172 -5.24 -28.21 27.07
N PHE B 173 -4.68 -29.15 26.30
CA PHE B 173 -4.69 -29.01 24.84
C PHE B 173 -6.11 -28.87 24.35
N SER B 174 -6.98 -29.74 24.86
CA SER B 174 -8.36 -29.84 24.42
C SER B 174 -9.07 -28.49 24.43
N ARG B 175 -8.98 -27.78 25.55
CA ARG B 175 -9.65 -26.49 25.71
C ARG B 175 -9.06 -25.42 24.79
N ALA B 176 -7.73 -25.30 24.78
CA ALA B 176 -7.04 -24.34 23.92
C ALA B 176 -7.30 -24.67 22.45
N SER B 177 -7.25 -25.96 22.13
CA SER B 177 -7.50 -26.45 20.79
C SER B 177 -8.93 -26.12 20.33
N ALA B 178 -9.92 -26.39 21.19
CA ALA B 178 -11.33 -26.04 20.87
C ALA B 178 -11.49 -24.56 20.55
N LEU B 179 -10.82 -23.71 21.34
CA LEU B 179 -10.89 -22.27 21.15
C LEU B 179 -10.29 -21.81 19.83
N LEU B 180 -9.15 -22.38 19.47
CA LEU B 180 -8.48 -22.01 18.22
C LEU B 180 -9.19 -22.58 16.99
N ALA B 181 -9.86 -23.72 17.15
CA ALA B 181 -10.70 -24.23 16.03
C ALA B 181 -11.84 -23.26 15.77
N ALA B 182 -12.46 -22.79 16.86
CA ALA B 182 -13.58 -21.85 16.78
C ALA B 182 -13.15 -20.53 16.13
N ALA B 183 -11.89 -20.14 16.37
CA ALA B 183 -11.34 -18.88 15.84
C ALA B 183 -11.31 -18.84 14.31
N LEU B 184 -11.51 -19.98 13.68
CA LEU B 184 -11.59 -20.04 12.22
C LEU B 184 -12.94 -19.57 11.66
N ASP B 185 -13.90 -19.31 12.54
CA ASP B 185 -15.20 -18.78 12.11
C ASP B 185 -14.96 -17.39 11.51
N PRO B 186 -15.61 -17.09 10.35
CA PRO B 186 -15.34 -15.84 9.64
C PRO B 186 -16.13 -14.65 10.23
N PHE B 187 -15.99 -14.43 11.54
CA PHE B 187 -16.72 -13.31 12.17
C PHE B 187 -16.33 -11.95 11.61
N LEU B 188 -15.03 -11.75 11.45
CA LEU B 188 -14.58 -10.46 10.98
C LEU B 188 -15.07 -10.17 9.57
N ALA B 189 -14.95 -11.15 8.68
CA ALA B 189 -15.39 -11.01 7.28
C ALA B 189 -16.90 -10.80 7.13
N LEU B 190 -17.69 -11.53 7.92
CA LEU B 190 -19.15 -11.44 7.78
C LEU B 190 -19.81 -10.32 8.59
N THR B 191 -19.18 -9.91 9.69
CA THR B 191 -19.80 -8.96 10.63
C THR B 191 -19.03 -7.66 10.88
N GLY B 192 -17.81 -7.57 10.40
CA GLY B 192 -16.97 -6.40 10.69
C GLY B 192 -16.43 -6.32 12.12
N GLU B 193 -16.75 -7.30 12.96
CA GLU B 193 -16.24 -7.34 14.34
C GLU B 193 -15.59 -8.69 14.65
N THR B 194 -14.67 -8.72 15.62
CA THR B 194 -14.06 -9.98 16.04
C THR B 194 -15.08 -10.79 16.84
N SER B 195 -14.83 -12.09 16.93
CA SER B 195 -15.60 -13.00 17.76
C SER B 195 -15.64 -12.50 19.21
N ASP B 196 -16.73 -12.83 19.90
CA ASP B 196 -16.82 -12.64 21.36
C ASP B 196 -15.75 -13.46 22.11
N LEU B 197 -15.20 -14.48 21.44
CA LEU B 197 -14.18 -15.36 22.03
C LEU B 197 -12.75 -14.88 21.84
N PHE B 198 -12.59 -13.73 21.18
CA PHE B 198 -11.30 -13.22 20.75
C PHE B 198 -10.25 -13.21 21.86
N ASP B 199 -10.56 -12.54 22.96
CA ASP B 199 -9.64 -12.46 24.10
C ASP B 199 -9.22 -13.84 24.61
N GLU B 200 -10.19 -14.75 24.76
CA GLU B 200 -9.92 -16.11 25.21
C GLU B 200 -9.00 -16.83 24.21
N GLN B 201 -9.26 -16.62 22.92
CA GLN B 201 -8.47 -17.24 21.86
C GLN B 201 -7.00 -16.76 21.82
N MET B 202 -6.79 -15.46 22.04
CA MET B 202 -5.43 -14.92 22.15
C MET B 202 -4.69 -15.53 23.34
N LYS B 203 -5.39 -15.66 24.46
CA LYS B 203 -4.85 -16.27 25.69
C LYS B 203 -4.48 -17.75 25.44
N ALA B 204 -5.39 -18.49 24.81
CA ALA B 204 -5.13 -19.89 24.42
C ALA B 204 -3.94 -20.03 23.47
N GLY B 205 -3.85 -19.14 22.48
CA GLY B 205 -2.74 -19.14 21.53
C GLY B 205 -1.42 -18.96 22.26
N MET B 206 -1.40 -17.98 23.17
CA MET B 206 -0.19 -17.70 23.93
C MET B 206 0.19 -18.91 24.78
N TRP B 207 -0.79 -19.50 25.47
CA TRP B 207 -0.52 -20.67 26.31
C TRP B 207 0.09 -21.80 25.47
N LEU B 208 -0.57 -22.11 24.34
CA LEU B 208 -0.10 -23.18 23.45
C LEU B 208 1.32 -22.97 22.93
N ARG B 209 1.64 -21.73 22.54
CA ARG B 209 2.99 -21.42 22.07
C ARG B 209 4.04 -21.63 23.18
N ASP B 210 3.76 -21.10 24.37
CA ASP B 210 4.64 -21.27 25.52
C ASP B 210 4.83 -22.74 25.89
N TYR B 211 3.72 -23.48 25.86
CA TYR B 211 3.73 -24.90 26.16
C TYR B 211 4.61 -25.67 25.18
N LEU B 212 4.39 -25.45 23.89
CA LEU B 212 5.16 -26.13 22.85
C LEU B 212 6.62 -25.72 22.88
N ARG B 213 6.88 -24.44 23.18
CA ARG B 213 8.26 -23.96 23.34
C ARG B 213 9.03 -24.80 24.38
N ALA B 214 8.39 -25.06 25.52
CA ALA B 214 9.00 -25.84 26.60
C ALA B 214 9.27 -27.30 26.17
N LEU B 215 8.34 -27.91 25.43
CA LEU B 215 8.55 -29.26 24.90
C LEU B 215 9.71 -29.30 23.90
N ILE B 216 9.78 -28.29 23.04
CA ILE B 216 10.86 -28.15 22.07
C ILE B 216 12.20 -28.03 22.75
N ASP B 217 12.27 -27.22 23.82
CA ASP B 217 13.53 -27.01 24.53
C ASP B 217 14.04 -28.29 25.19
N GLU B 218 13.14 -29.13 25.71
CA GLU B 218 13.59 -30.39 26.33
C GLU B 218 14.15 -31.40 25.31
N ARG B 219 13.72 -31.27 24.06
CA ARG B 219 14.23 -32.11 22.98
C ARG B 219 15.67 -31.78 22.56
N ARG B 220 16.18 -30.64 23.03
CA ARG B 220 17.61 -30.33 22.85
C ARG B 220 18.47 -31.09 23.87
N ARG B 221 17.83 -31.67 24.89
CA ARG B 221 18.54 -32.34 25.98
C ARG B 221 18.32 -33.86 25.99
N THR B 222 17.10 -34.28 25.65
CA THR B 222 16.73 -35.70 25.66
C THR B 222 16.20 -36.05 24.29
N PRO B 223 16.79 -37.07 23.64
CA PRO B 223 16.36 -37.49 22.29
C PRO B 223 14.91 -37.99 22.31
N GLY B 224 14.08 -37.44 21.42
CA GLY B 224 12.72 -37.95 21.23
C GLY B 224 12.62 -38.74 19.93
N GLU B 225 11.52 -39.47 19.78
CA GLU B 225 11.26 -40.19 18.54
C GLU B 225 9.94 -39.67 18.00
N ASP B 226 9.89 -38.37 17.71
CA ASP B 226 8.63 -37.76 17.30
C ASP B 226 8.94 -36.65 16.35
N LEU B 227 7.91 -36.08 15.74
CA LEU B 227 8.10 -35.05 14.74
C LEU B 227 8.73 -33.78 15.29
N MET B 228 8.43 -33.45 16.55
CA MET B 228 8.98 -32.25 17.15
C MET B 228 10.51 -32.39 17.20
N SER B 229 10.99 -33.55 17.62
CA SER B 229 12.43 -33.82 17.68
C SER B 229 13.05 -33.75 16.29
N GLY B 230 12.38 -34.32 15.30
CA GLY B 230 12.88 -34.29 13.92
C GLY B 230 13.01 -32.85 13.43
N LEU B 231 12.04 -32.01 13.78
CA LEU B 231 12.09 -30.59 13.37
C LEU B 231 13.22 -29.83 14.10
N VAL B 232 13.40 -30.09 15.39
CA VAL B 232 14.55 -29.50 16.13
C VAL B 232 15.89 -29.86 15.48
N ALA B 233 16.06 -31.13 15.08
CA ALA B 233 17.29 -31.55 14.37
C ALA B 233 17.59 -30.71 13.14
N VAL B 234 16.55 -30.43 12.34
CA VAL B 234 16.73 -29.60 11.16
C VAL B 234 17.01 -28.14 11.53
N GLU B 235 16.21 -27.62 12.46
CA GLU B 235 16.37 -26.24 12.91
C GLU B 235 17.80 -25.95 13.43
N GLU B 236 18.38 -26.91 14.14
CA GLU B 236 19.69 -26.71 14.77
CA GLU B 236 19.69 -26.72 14.78
C GLU B 236 20.85 -26.98 13.81
N SER B 237 20.54 -27.50 12.62
CA SER B 237 21.57 -27.85 11.65
C SER B 237 21.84 -26.74 10.63
N GLY B 238 20.94 -25.76 10.52
CA GLY B 238 21.07 -24.74 9.49
C GLY B 238 19.99 -23.67 9.48
N ASP B 239 19.78 -23.07 8.32
CA ASP B 239 18.93 -21.89 8.20
C ASP B 239 17.55 -22.18 7.60
N GLN B 240 17.15 -23.45 7.60
CA GLN B 240 15.89 -23.84 6.96
C GLN B 240 14.63 -23.66 7.80
N LEU B 241 14.81 -23.36 9.09
CA LEU B 241 13.72 -23.45 10.06
C LEU B 241 14.09 -22.71 11.33
N THR B 242 13.19 -21.91 11.87
CA THR B 242 13.46 -21.27 13.18
C THR B 242 12.67 -21.98 14.27
N GLU B 243 13.05 -21.75 15.54
CA GLU B 243 12.25 -22.27 16.65
C GLU B 243 10.79 -21.79 16.60
N ASP B 244 10.60 -20.49 16.35
CA ASP B 244 9.24 -19.93 16.22
C ASP B 244 8.42 -20.65 15.15
N GLU B 245 9.04 -20.99 14.04
CA GLU B 245 8.39 -21.75 12.98
C GLU B 245 8.04 -23.18 13.40
N ILE B 246 8.89 -23.81 14.21
CA ILE B 246 8.56 -25.14 14.74
C ILE B 246 7.30 -25.03 15.61
N ILE B 247 7.26 -24.02 16.45
CA ILE B 247 6.09 -23.79 17.33
C ILE B 247 4.82 -23.63 16.50
N ALA B 248 4.86 -22.73 15.51
CA ALA B 248 3.69 -22.46 14.67
C ALA B 248 3.23 -23.73 13.95
N THR B 249 4.20 -24.45 13.38
CA THR B 249 3.92 -25.70 12.66
C THR B 249 3.28 -26.77 13.57
N CYS B 250 3.89 -27.00 14.73
CA CYS B 250 3.38 -28.01 15.65
C CYS B 250 2.00 -27.64 16.22
N ASN B 251 1.79 -26.35 16.47
CA ASN B 251 0.49 -25.84 16.89
C ASN B 251 -0.58 -26.17 15.83
N LEU B 252 -0.27 -25.88 14.59
CA LEU B 252 -1.18 -26.16 13.48
C LEU B 252 -1.55 -27.66 13.46
N LEU B 253 -0.52 -28.50 13.49
CA LEU B 253 -0.70 -29.95 13.38
C LEU B 253 -1.49 -30.51 14.56
N LEU B 254 -1.17 -30.05 15.76
CA LEU B 254 -1.88 -30.48 16.99
C LEU B 254 -3.37 -30.15 16.89
N ILE B 255 -3.67 -28.91 16.54
CA ILE B 255 -5.06 -28.46 16.43
C ILE B 255 -5.81 -29.21 15.33
N ALA B 256 -5.21 -29.35 14.15
CA ALA B 256 -5.79 -30.16 13.07
C ALA B 256 -6.10 -31.56 13.57
N GLY B 257 -5.21 -32.13 14.37
CA GLY B 257 -5.40 -33.48 14.90
C GLY B 257 -6.54 -33.60 15.90
N HIS B 258 -6.88 -32.48 16.55
CA HIS B 258 -7.97 -32.44 17.52
C HIS B 258 -9.34 -32.10 17.00
N GLU B 259 -9.41 -31.41 15.85
CA GLU B 259 -10.63 -30.65 15.51
C GLU B 259 -11.24 -30.90 14.12
N THR B 260 -10.93 -32.06 13.58
CA THR B 260 -11.13 -32.29 12.16
C THR B 260 -11.71 -33.70 11.94
N THR B 261 -10.88 -34.73 12.14
CA THR B 261 -11.27 -36.12 11.88
C THR B 261 -12.44 -36.54 12.77
N VAL B 262 -12.49 -35.99 13.98
CA VAL B 262 -13.63 -36.23 14.87
C VAL B 262 -14.95 -36.03 14.11
N ASN B 263 -15.01 -34.96 13.30
CA ASN B 263 -16.24 -34.62 12.59
C ASN B 263 -16.46 -35.43 11.33
N LEU B 264 -15.39 -35.92 10.73
CA LEU B 264 -15.53 -36.84 9.61
C LEU B 264 -16.17 -38.12 10.13
N ILE B 265 -15.66 -38.63 11.24
CA ILE B 265 -16.22 -39.86 11.83
C ILE B 265 -17.66 -39.64 12.28
N ALA B 266 -17.91 -38.58 13.03
CA ALA B 266 -19.26 -38.35 13.57
C ALA B 266 -20.27 -38.01 12.48
N ASN B 267 -19.88 -37.17 11.53
CA ASN B 267 -20.79 -36.83 10.43
C ASN B 267 -21.13 -38.04 9.57
N ALA B 268 -20.15 -38.93 9.37
CA ALA B 268 -20.39 -40.15 8.60
C ALA B 268 -21.36 -41.04 9.37
N ALA B 269 -21.13 -41.19 10.67
CA ALA B 269 -22.04 -41.99 11.51
C ALA B 269 -23.47 -41.47 11.45
N LEU B 270 -23.61 -40.15 11.58
CA LEU B 270 -24.93 -39.52 11.53
C LEU B 270 -25.61 -39.74 10.18
N ALA B 271 -24.86 -39.57 9.10
CA ALA B 271 -25.44 -39.73 7.74
C ALA B 271 -25.89 -41.16 7.51
N MET B 272 -25.11 -42.12 8.01
CA MET B 272 -25.50 -43.53 7.89
C MET B 272 -26.76 -43.83 8.70
N LEU B 273 -26.80 -43.33 9.95
CA LEU B 273 -28.00 -43.53 10.80
C LEU B 273 -29.27 -42.93 10.20
N ARG B 274 -29.10 -41.83 9.47
CA ARG B 274 -30.26 -41.16 8.88
C ARG B 274 -30.67 -41.68 7.50
N THR B 275 -29.82 -42.48 6.86
CA THR B 275 -30.02 -42.87 5.46
C THR B 275 -30.37 -44.35 5.37
N PRO B 276 -31.55 -44.66 4.77
CA PRO B 276 -32.06 -46.03 4.77
C PRO B 276 -31.06 -47.07 4.28
N GLY B 277 -30.84 -48.08 5.13
CA GLY B 277 -29.98 -49.22 4.84
C GLY B 277 -28.48 -49.01 5.04
N GLN B 278 -28.04 -47.78 5.24
CA GLN B 278 -26.59 -47.51 5.20
C GLN B 278 -25.78 -48.05 6.38
N TRP B 279 -26.33 -47.95 7.58
CA TRP B 279 -25.63 -48.46 8.75
C TRP B 279 -25.53 -49.98 8.66
N ALA B 280 -26.65 -50.62 8.30
CA ALA B 280 -26.67 -52.08 8.10
C ALA B 280 -25.69 -52.51 7.00
N ALA B 281 -25.65 -51.77 5.89
CA ALA B 281 -24.75 -52.10 4.78
C ALA B 281 -23.25 -52.07 5.17
N LEU B 282 -22.87 -51.04 5.94
CA LEU B 282 -21.47 -50.97 6.42
C LEU B 282 -21.18 -52.07 7.48
N ALA B 283 -22.15 -52.34 8.34
CA ALA B 283 -22.00 -53.38 9.37
C ALA B 283 -21.73 -54.73 8.72
N ALA B 284 -22.39 -54.96 7.59
CA ALA B 284 -22.30 -56.21 6.85
C ALA B 284 -21.04 -56.29 6.00
N ASP B 285 -20.55 -55.13 5.54
CA ASP B 285 -19.43 -55.09 4.62
C ASP B 285 -18.54 -53.88 4.88
N GLY B 286 -17.45 -54.10 5.62
CA GLY B 286 -16.51 -53.03 5.95
C GLY B 286 -15.81 -52.39 4.76
N SER B 287 -15.83 -53.06 3.60
CA SER B 287 -15.21 -52.50 2.39
C SER B 287 -15.92 -51.23 1.88
N ARG B 288 -17.11 -50.94 2.42
CA ARG B 288 -17.86 -49.73 2.06
C ARG B 288 -17.29 -48.48 2.72
N ALA B 289 -16.36 -48.67 3.66
CA ALA B 289 -15.80 -47.57 4.45
C ALA B 289 -15.28 -46.43 3.59
N SER B 290 -14.48 -46.75 2.56
CA SER B 290 -13.89 -45.67 1.75
C SER B 290 -14.96 -44.80 1.06
N ALA B 291 -15.95 -45.45 0.45
CA ALA B 291 -17.03 -44.71 -0.21
C ALA B 291 -17.85 -43.91 0.81
N VAL B 292 -18.15 -44.50 1.97
CA VAL B 292 -18.86 -43.76 3.03
C VAL B 292 -18.09 -42.48 3.40
N ILE B 293 -16.78 -42.61 3.56
CA ILE B 293 -15.93 -41.48 3.97
C ILE B 293 -15.92 -40.39 2.90
N GLU B 294 -15.72 -40.75 1.64
CA GLU B 294 -15.64 -39.71 0.61
C GLU B 294 -17.00 -39.07 0.41
N GLU B 295 -18.07 -39.86 0.49
CA GLU B 295 -19.40 -39.29 0.32
C GLU B 295 -19.74 -38.37 1.52
N THR B 296 -19.22 -38.68 2.71
CA THR B 296 -19.39 -37.78 3.87
C THR B 296 -18.61 -36.47 3.66
N MET B 297 -17.38 -36.57 3.15
CA MET B 297 -16.61 -35.35 2.82
C MET B 297 -17.39 -34.43 1.88
N ARG B 298 -18.06 -35.02 0.90
CA ARG B 298 -18.92 -34.27 -0.03
C ARG B 298 -20.20 -33.73 0.66
N TYR B 299 -20.94 -34.63 1.30
CA TYR B 299 -22.30 -34.34 1.77
C TYR B 299 -22.36 -33.54 3.07
N ASP B 300 -21.38 -33.74 3.96
CA ASP B 300 -21.42 -33.08 5.27
C ASP B 300 -20.00 -32.79 5.71
N PRO B 301 -19.35 -31.84 5.03
CA PRO B 301 -17.89 -31.65 5.18
C PRO B 301 -17.52 -31.14 6.57
N PRO B 302 -16.50 -31.76 7.20
CA PRO B 302 -15.95 -31.26 8.46
C PRO B 302 -15.46 -29.82 8.35
N VAL B 303 -14.85 -29.45 7.22
CA VAL B 303 -14.45 -28.07 7.01
C VAL B 303 -15.42 -27.44 6.00
N GLN B 304 -16.26 -26.53 6.48
CA GLN B 304 -17.40 -26.04 5.68
C GLN B 304 -17.01 -24.97 4.64
N LEU B 305 -15.96 -24.21 4.94
CA LEU B 305 -15.56 -23.06 4.12
C LEU B 305 -14.08 -22.76 4.34
N VAL B 306 -13.45 -22.08 3.37
CA VAL B 306 -12.07 -21.58 3.55
C VAL B 306 -12.00 -20.16 3.03
N SER B 307 -10.93 -19.43 3.35
CA SER B 307 -10.79 -18.02 2.93
C SER B 307 -9.54 -17.88 2.08
N ARG B 308 -9.61 -16.96 1.12
CA ARG B 308 -8.45 -16.50 0.36
C ARG B 308 -8.49 -14.98 0.28
N TYR B 309 -7.37 -14.36 -0.07
CA TYR B 309 -7.33 -12.90 -0.27
C TYR B 309 -6.82 -12.64 -1.68
N ALA B 310 -7.43 -11.70 -2.40
CA ALA B 310 -6.95 -11.37 -3.75
C ALA B 310 -5.61 -10.63 -3.66
N GLY B 311 -4.53 -11.28 -4.09
CA GLY B 311 -3.18 -10.67 -4.09
C GLY B 311 -3.02 -9.59 -5.16
N ASP B 312 -3.90 -9.66 -6.17
CA ASP B 312 -4.06 -8.64 -7.21
C ASP B 312 -5.51 -8.69 -7.68
N ASP B 313 -5.93 -7.66 -8.42
CA ASP B 313 -7.22 -7.71 -9.10
C ASP B 313 -7.22 -9.02 -9.88
N LEU B 314 -8.32 -9.77 -9.78
CA LEU B 314 -8.38 -11.07 -10.43
C LEU B 314 -9.81 -11.37 -10.84
N THR B 315 -9.97 -12.33 -11.76
CA THR B 315 -11.27 -12.67 -12.30
C THR B 315 -11.61 -14.13 -12.01
N ILE B 316 -12.82 -14.37 -11.52
CA ILE B 316 -13.31 -15.73 -11.30
C ILE B 316 -14.63 -15.83 -12.06
N GLY B 317 -14.67 -16.71 -13.06
CA GLY B 317 -15.79 -16.72 -13.98
C GLY B 317 -15.83 -15.38 -14.69
N THR B 318 -16.93 -14.65 -14.52
CA THR B 318 -17.06 -13.32 -15.12
C THR B 318 -16.92 -12.19 -14.08
N HIS B 319 -16.69 -12.56 -12.82
CA HIS B 319 -16.64 -11.58 -11.74
C HIS B 319 -15.22 -11.23 -11.36
N THR B 320 -14.98 -9.93 -11.19
CA THR B 320 -13.68 -9.46 -10.77
C THR B 320 -13.65 -9.22 -9.27
N VAL B 321 -12.53 -9.57 -8.65
CA VAL B 321 -12.36 -9.33 -7.22
C VAL B 321 -11.22 -8.34 -7.06
N PRO B 322 -11.50 -7.19 -6.40
CA PRO B 322 -10.47 -6.19 -6.19
C PRO B 322 -9.35 -6.70 -5.31
N LYS B 323 -8.11 -6.32 -5.65
CA LYS B 323 -6.95 -6.61 -4.81
C LYS B 323 -7.24 -6.28 -3.34
N GLY B 324 -6.97 -7.24 -2.44
CA GLY B 324 -7.11 -7.02 -1.00
C GLY B 324 -8.42 -7.54 -0.41
N ASP B 325 -9.39 -7.84 -1.27
CA ASP B 325 -10.68 -8.34 -0.79
C ASP B 325 -10.59 -9.81 -0.35
N THR B 326 -11.43 -10.18 0.62
CA THR B 326 -11.54 -11.57 1.09
C THR B 326 -12.47 -12.33 0.17
N MET B 327 -12.05 -13.53 -0.19
CA MET B 327 -12.88 -14.45 -0.94
C MET B 327 -13.20 -15.62 -0.02
N LEU B 328 -14.49 -15.74 0.34
CA LEU B 328 -14.94 -16.88 1.11
C LEU B 328 -15.46 -17.94 0.16
N LEU B 329 -14.98 -19.18 0.35
CA LEU B 329 -15.36 -20.29 -0.51
C LEU B 329 -16.23 -21.21 0.32
N LEU B 330 -17.52 -21.26 -0.01
CA LEU B 330 -18.47 -22.10 0.71
C LEU B 330 -18.38 -23.52 0.13
N LEU B 331 -17.40 -24.27 0.61
CA LEU B 331 -17.16 -25.63 0.12
C LEU B 331 -18.41 -26.49 0.29
N ALA B 332 -19.11 -26.30 1.42
CA ALA B 332 -20.34 -27.06 1.65
C ALA B 332 -21.38 -26.88 0.54
N ALA B 333 -21.50 -25.66 0.02
CA ALA B 333 -22.36 -25.38 -1.13
C ALA B 333 -21.81 -26.00 -2.40
N ALA B 334 -20.51 -25.83 -2.64
CA ALA B 334 -19.87 -26.33 -3.87
C ALA B 334 -20.08 -27.83 -4.06
N HIS B 335 -20.04 -28.57 -2.96
CA HIS B 335 -20.19 -30.03 -2.98
C HIS B 335 -21.59 -30.48 -3.41
N ARG B 336 -22.56 -29.57 -3.28
CA ARG B 336 -23.94 -29.85 -3.65
C ARG B 336 -24.37 -29.15 -4.94
N ASP B 337 -23.39 -28.84 -5.76
CA ASP B 337 -23.62 -28.18 -7.04
C ASP B 337 -24.17 -29.20 -8.05
N PRO B 338 -25.42 -29.00 -8.54
CA PRO B 338 -26.03 -29.97 -9.47
C PRO B 338 -25.34 -30.06 -10.83
N THR B 339 -24.51 -29.09 -11.18
CA THR B 339 -23.78 -29.17 -12.45
C THR B 339 -22.60 -30.15 -12.38
N ILE B 340 -22.24 -30.54 -11.15
CA ILE B 340 -21.13 -31.46 -10.87
C ILE B 340 -21.60 -32.86 -10.45
N VAL B 341 -22.71 -32.94 -9.73
CA VAL B 341 -23.16 -34.23 -9.19
C VAL B 341 -24.69 -34.34 -9.25
N GLY B 342 -25.19 -35.53 -9.61
CA GLY B 342 -26.62 -35.78 -9.64
C GLY B 342 -27.16 -35.99 -8.23
N ALA B 343 -28.43 -35.62 -7.99
CA ALA B 343 -29.03 -35.77 -6.64
C ALA B 343 -28.06 -35.25 -5.54
N PRO B 344 -27.57 -34.01 -5.69
CA PRO B 344 -26.52 -33.49 -4.81
C PRO B 344 -26.88 -33.51 -3.34
N ASP B 345 -28.16 -33.37 -3.02
CA ASP B 345 -28.62 -33.32 -1.62
C ASP B 345 -28.98 -34.69 -1.04
N ARG B 346 -28.62 -35.74 -1.77
CA ARG B 346 -28.78 -37.11 -1.27
C ARG B 346 -27.43 -37.65 -0.78
N PHE B 347 -27.44 -38.34 0.36
CA PHE B 347 -26.24 -39.05 0.86
C PHE B 347 -26.24 -40.44 0.22
N ASP B 348 -25.33 -40.65 -0.72
CA ASP B 348 -25.31 -41.88 -1.51
C ASP B 348 -23.89 -42.41 -1.71
N PRO B 349 -23.40 -43.24 -0.78
CA PRO B 349 -22.04 -43.79 -0.92
C PRO B 349 -21.87 -44.63 -2.18
N ASP B 350 -22.97 -45.06 -2.81
CA ASP B 350 -22.84 -45.86 -4.05
C ASP B 350 -22.85 -45.05 -5.34
N ARG B 351 -22.88 -43.72 -5.24
CA ARG B 351 -22.94 -42.87 -6.43
C ARG B 351 -21.68 -43.06 -7.29
N ALA B 352 -21.83 -42.87 -8.61
CA ALA B 352 -20.79 -43.25 -9.57
C ALA B 352 -19.55 -42.37 -9.45
N GLN B 353 -19.76 -41.11 -9.13
CA GLN B 353 -18.67 -40.14 -9.04
CA GLN B 353 -18.66 -40.16 -9.02
C GLN B 353 -18.83 -39.38 -7.73
N ILE B 354 -17.83 -39.47 -6.85
CA ILE B 354 -17.83 -38.68 -5.63
C ILE B 354 -16.77 -37.61 -5.80
N ARG B 355 -17.20 -36.37 -5.99
CA ARG B 355 -16.28 -35.25 -6.15
C ARG B 355 -16.48 -34.24 -5.03
N HIS B 356 -15.38 -33.83 -4.39
CA HIS B 356 -15.45 -32.79 -3.39
C HIS B 356 -14.15 -31.98 -3.30
N LEU B 357 -14.21 -30.91 -2.51
CA LEU B 357 -13.05 -30.08 -2.22
C LEU B 357 -12.85 -30.05 -0.72
N GLY B 358 -13.24 -31.14 -0.06
CA GLY B 358 -13.27 -31.22 1.41
C GLY B 358 -11.91 -31.18 2.06
N PHE B 359 -10.87 -31.54 1.29
CA PHE B 359 -9.49 -31.47 1.74
C PHE B 359 -8.75 -30.33 1.03
N GLY B 360 -9.51 -29.45 0.37
CA GLY B 360 -8.94 -28.35 -0.40
C GLY B 360 -8.46 -28.82 -1.76
N LYS B 361 -7.58 -28.03 -2.36
CA LYS B 361 -7.03 -28.34 -3.69
C LYS B 361 -5.85 -27.45 -4.01
N GLY B 362 -4.79 -28.04 -4.59
CA GLY B 362 -3.62 -27.29 -5.04
C GLY B 362 -2.58 -27.09 -3.96
N ALA B 363 -2.06 -25.87 -3.85
CA ALA B 363 -0.91 -25.57 -2.98
C ALA B 363 -1.08 -25.98 -1.52
N HIS B 364 -2.27 -25.73 -0.98
CA HIS B 364 -2.54 -25.96 0.44
C HIS B 364 -3.37 -27.22 0.68
N PHE B 365 -3.39 -28.13 -0.32
CA PHE B 365 -4.14 -29.38 -0.16
C PHE B 365 -3.81 -30.05 1.17
N CYS B 366 -4.84 -30.49 1.89
CA CYS B 366 -4.69 -31.04 3.24
C CYS B 366 -3.54 -32.05 3.39
N LEU B 367 -2.57 -31.74 4.25
CA LEU B 367 -1.46 -32.68 4.52
C LEU B 367 -1.91 -33.89 5.34
N GLY B 368 -2.98 -33.71 6.09
CA GLY B 368 -3.50 -34.75 6.95
C GLY B 368 -4.44 -35.71 6.29
N ALA B 369 -4.72 -35.54 4.98
CA ALA B 369 -5.78 -36.36 4.36
C ALA B 369 -5.50 -37.90 4.44
N PRO B 370 -4.26 -38.35 4.17
CA PRO B 370 -4.03 -39.81 4.35
C PRO B 370 -4.30 -40.27 5.78
N LEU B 371 -3.83 -39.52 6.77
CA LEU B 371 -4.09 -39.84 8.17
C LEU B 371 -5.59 -39.82 8.55
N ALA B 372 -6.29 -38.74 8.19
CA ALA B 372 -7.73 -38.63 8.46
C ALA B 372 -8.49 -39.79 7.82
N ARG B 373 -8.15 -40.09 6.57
CA ARG B 373 -8.77 -41.23 5.89
C ARG B 373 -8.52 -42.56 6.60
N LEU B 374 -7.29 -42.79 7.01
CA LEU B 374 -6.96 -44.03 7.71
C LEU B 374 -7.70 -44.13 9.03
N GLU B 375 -7.67 -43.06 9.82
CA GLU B 375 -8.38 -43.03 11.11
C GLU B 375 -9.85 -43.41 10.93
N ALA B 376 -10.50 -42.79 9.95
CA ALA B 376 -11.93 -43.03 9.73
C ALA B 376 -12.18 -44.41 9.10
N THR B 377 -11.26 -44.86 8.24
CA THR B 377 -11.39 -46.18 7.59
C THR B 377 -11.32 -47.31 8.60
N VAL B 378 -10.51 -47.15 9.64
CA VAL B 378 -10.48 -48.16 10.71
C VAL B 378 -11.71 -48.01 11.62
N ALA B 379 -11.96 -46.79 12.09
CA ALA B 379 -13.03 -46.54 13.08
C ALA B 379 -14.44 -46.90 12.62
N LEU B 380 -14.81 -46.49 11.41
CA LEU B 380 -16.22 -46.56 11.00
C LEU B 380 -16.75 -47.98 10.84
N PRO B 381 -16.06 -48.82 10.03
CA PRO B 381 -16.60 -50.19 9.89
C PRO B 381 -16.53 -50.99 11.19
N ALA B 382 -15.56 -50.69 12.06
CA ALA B 382 -15.48 -51.36 13.38
C ALA B 382 -16.67 -50.98 14.25
N LEU B 383 -17.02 -49.69 14.25
CA LEU B 383 -18.20 -49.18 14.96
C LEU B 383 -19.49 -49.84 14.48
N ALA B 384 -19.70 -49.88 13.16
CA ALA B 384 -20.92 -50.44 12.59
C ALA B 384 -21.04 -51.93 12.89
N ALA B 385 -19.95 -52.66 12.66
CA ALA B 385 -19.89 -54.10 12.93
C ALA B 385 -20.12 -54.44 14.41
N ARG B 386 -19.61 -53.59 15.31
CA ARG B 386 -19.76 -53.81 16.75
CA ARG B 386 -19.76 -53.81 16.75
C ARG B 386 -21.21 -53.62 17.19
N PHE B 387 -21.88 -52.60 16.63
CA PHE B 387 -23.28 -52.28 16.96
C PHE B 387 -24.18 -52.26 15.74
N PRO B 388 -24.41 -53.42 15.10
CA PRO B 388 -25.18 -53.48 13.85
C PRO B 388 -26.63 -52.97 13.98
N GLU B 389 -27.19 -53.03 15.19
CA GLU B 389 -28.58 -52.58 15.41
C GLU B 389 -28.66 -51.13 15.91
N ALA B 390 -27.54 -50.40 15.86
CA ALA B 390 -27.51 -49.01 16.30
C ALA B 390 -28.59 -48.13 15.68
N ARG B 391 -29.17 -47.26 16.49
CA ARG B 391 -30.10 -46.25 16.03
C ARG B 391 -29.73 -44.92 16.67
N LEU B 392 -30.03 -43.83 15.96
CA LEU B 392 -29.90 -42.49 16.51
C LEU B 392 -30.85 -42.30 17.71
N SER B 393 -30.30 -41.83 18.82
CA SER B 393 -31.08 -41.53 20.00
C SER B 393 -31.28 -40.01 20.16
N GLY B 394 -32.48 -39.54 19.85
CA GLY B 394 -32.80 -38.11 19.92
C GLY B 394 -32.18 -37.33 18.77
N GLU B 395 -31.93 -36.05 18.98
CA GLU B 395 -31.29 -35.24 17.94
C GLU B 395 -29.92 -34.74 18.44
N PRO B 396 -28.91 -34.73 17.55
CA PRO B 396 -27.58 -34.31 17.99
C PRO B 396 -27.49 -32.85 18.38
N GLU B 397 -26.54 -32.53 19.24
CA GLU B 397 -26.25 -31.16 19.62
C GLU B 397 -24.98 -30.67 18.93
N TYR B 398 -25.03 -29.47 18.36
CA TYR B 398 -23.88 -28.92 17.63
C TYR B 398 -23.14 -27.88 18.44
N LYS B 399 -21.82 -27.84 18.23
CA LYS B 399 -20.99 -26.73 18.69
C LYS B 399 -21.40 -25.48 17.94
N ARG B 400 -20.97 -24.31 18.43
CA ARG B 400 -21.28 -23.07 17.75
C ARG B 400 -20.48 -22.89 16.46
N ASN B 401 -19.32 -23.55 16.36
CA ASN B 401 -18.42 -23.44 15.21
C ASN B 401 -19.13 -23.47 13.88
N LEU B 402 -18.73 -22.57 12.99
CA LEU B 402 -19.18 -22.63 11.59
C LEU B 402 -18.18 -23.31 10.65
N THR B 403 -16.92 -22.86 10.68
CA THR B 403 -15.91 -23.36 9.75
C THR B 403 -15.59 -24.84 10.05
N LEU B 404 -15.15 -25.11 11.28
CA LEU B 404 -14.91 -26.49 11.72
C LEU B 404 -16.12 -26.97 12.52
N ARG B 405 -17.19 -27.24 11.79
CA ARG B 405 -18.50 -27.50 12.34
C ARG B 405 -18.59 -28.95 12.78
N GLY B 406 -19.15 -29.17 13.97
CA GLY B 406 -19.29 -30.51 14.48
C GLY B 406 -20.22 -30.64 15.67
N MET B 407 -20.57 -31.88 15.97
CA MET B 407 -21.45 -32.19 17.09
C MET B 407 -20.66 -32.26 18.39
N SER B 408 -21.28 -31.81 19.48
CA SER B 408 -20.78 -32.04 20.82
C SER B 408 -21.41 -33.33 21.37
N THR B 409 -22.62 -33.63 20.92
CA THR B 409 -23.30 -34.87 21.30
C THR B 409 -23.93 -35.56 20.09
N LEU B 410 -23.57 -36.83 19.93
CA LEU B 410 -24.22 -37.73 18.98
C LEU B 410 -24.56 -39.00 19.74
N SER B 411 -25.82 -39.12 20.12
CA SER B 411 -26.26 -40.21 21.00
C SER B 411 -26.71 -41.40 20.15
N ILE B 412 -26.13 -42.56 20.42
CA ILE B 412 -26.47 -43.78 19.69
C ILE B 412 -27.02 -44.81 20.69
N ALA B 413 -28.22 -45.34 20.39
CA ALA B 413 -28.77 -46.47 21.14
C ALA B 413 -28.27 -47.77 20.49
N VAL B 414 -27.67 -48.66 21.27
CA VAL B 414 -26.99 -49.84 20.70
C VAL B 414 -27.93 -51.01 20.39
N ALA C 15 46.61 13.66 -34.35
CA ALA C 15 45.46 14.44 -34.90
C ALA C 15 44.18 13.61 -34.78
N GLN C 16 43.95 12.74 -35.77
CA GLN C 16 42.95 11.69 -35.68
C GLN C 16 43.39 10.63 -34.65
N GLY C 17 44.71 10.52 -34.46
CA GLY C 17 45.30 9.71 -33.39
C GLY C 17 44.92 10.21 -32.00
N LEU C 18 44.87 11.52 -31.80
CA LEU C 18 44.46 12.11 -30.52
C LEU C 18 43.02 11.78 -30.19
N LEU C 19 42.15 11.81 -31.19
CA LEU C 19 40.74 11.49 -30.99
C LEU C 19 40.55 10.03 -30.56
N LEU C 20 41.34 9.12 -31.13
CA LEU C 20 41.25 7.71 -30.75
C LEU C 20 41.84 7.46 -29.35
N GLN C 21 42.84 8.26 -28.97
CA GLN C 21 43.34 8.22 -27.60
C GLN C 21 42.22 8.55 -26.58
N LEU C 22 41.37 9.53 -26.92
CA LEU C 22 40.22 9.87 -26.07
C LEU C 22 39.29 8.70 -25.78
N LEU C 23 39.06 7.87 -26.80
CA LEU C 23 38.20 6.69 -26.66
C LEU C 23 38.88 5.55 -25.92
N ASP C 24 40.21 5.48 -26.00
CA ASP C 24 41.01 4.47 -25.28
C ASP C 24 40.72 4.55 -23.77
N PRO C 25 40.23 3.43 -23.19
CA PRO C 25 39.95 3.31 -21.74
C PRO C 25 41.14 3.69 -20.85
N ALA C 26 42.36 3.48 -21.34
CA ALA C 26 43.57 3.83 -20.57
C ALA C 26 43.65 5.32 -20.21
N THR C 27 42.99 6.17 -21.00
CA THR C 27 43.06 7.61 -20.77
C THR C 27 41.86 8.15 -19.96
N ARG C 28 40.94 7.28 -19.57
CA ARG C 28 39.67 7.74 -18.98
C ARG C 28 39.86 8.47 -17.65
N ALA C 29 40.82 8.03 -16.84
CA ALA C 29 41.03 8.67 -15.55
C ALA C 29 41.51 10.11 -15.70
N ASP C 30 42.24 10.40 -16.77
CA ASP C 30 42.75 11.75 -16.98
C ASP C 30 42.85 12.10 -18.46
N PRO C 31 41.70 12.48 -19.05
CA PRO C 31 41.71 12.80 -20.47
C PRO C 31 42.15 14.24 -20.76
N TYR C 32 42.38 15.02 -19.70
CA TYR C 32 42.57 16.47 -19.84
C TYR C 32 43.84 16.92 -20.59
N PRO C 33 44.98 16.20 -20.44
CA PRO C 33 46.13 16.52 -21.30
C PRO C 33 45.80 16.42 -22.79
N ILE C 34 45.07 15.37 -23.17
CA ILE C 34 44.61 15.19 -24.56
C ILE C 34 43.65 16.29 -25.02
N TYR C 35 42.65 16.61 -24.19
CA TYR C 35 41.69 17.67 -24.53
C TYR C 35 42.42 19.00 -24.73
N ASP C 36 43.29 19.35 -23.79
CA ASP C 36 44.07 20.60 -23.87
C ASP C 36 44.96 20.62 -25.13
N ARG C 37 45.61 19.50 -25.42
CA ARG C 37 46.46 19.38 -26.62
C ARG C 37 45.66 19.59 -27.91
N ILE C 38 44.49 18.94 -28.02
CA ILE C 38 43.57 19.15 -29.14
C ILE C 38 43.19 20.64 -29.27
N ARG C 39 42.78 21.27 -28.17
CA ARG C 39 42.36 22.67 -28.22
C ARG C 39 43.49 23.60 -28.68
N ARG C 40 44.71 23.34 -28.20
CA ARG C 40 45.88 24.15 -28.56
C ARG C 40 46.12 24.12 -30.06
N GLY C 41 45.87 22.96 -30.67
CA GLY C 41 46.02 22.76 -32.11
C GLY C 41 44.96 23.44 -32.96
N GLY C 42 43.85 23.83 -32.33
CA GLY C 42 42.79 24.58 -33.02
C GLY C 42 41.67 23.66 -33.49
N PRO C 43 40.69 24.24 -34.22
CA PRO C 43 39.57 23.43 -34.75
C PRO C 43 40.06 22.38 -35.73
N LEU C 44 39.39 21.23 -35.68
CA LEU C 44 39.78 20.09 -36.52
CA LEU C 44 39.76 20.09 -36.48
C LEU C 44 38.76 19.86 -37.61
N ALA C 45 39.13 20.24 -38.83
CA ALA C 45 38.25 20.05 -39.98
C ALA C 45 38.64 18.73 -40.66
N LEU C 46 37.76 17.74 -40.57
CA LEU C 46 38.03 16.43 -41.16
C LEU C 46 36.93 16.05 -42.17
N PRO C 47 36.80 16.83 -43.25
CA PRO C 47 35.72 16.57 -44.20
C PRO C 47 35.76 15.17 -44.84
N GLU C 48 36.95 14.56 -44.96
CA GLU C 48 37.03 13.17 -45.51
C GLU C 48 36.37 12.15 -44.58
N ALA C 49 36.23 12.48 -43.30
CA ALA C 49 35.53 11.64 -42.31
C ALA C 49 34.15 12.20 -41.99
N ASN C 50 33.69 13.15 -42.81
CA ASN C 50 32.42 13.87 -42.60
C ASN C 50 32.29 14.44 -41.18
N LEU C 51 33.38 15.01 -40.70
CA LEU C 51 33.51 15.35 -39.28
C LEU C 51 34.23 16.68 -39.10
N ALA C 52 33.85 17.38 -38.03
CA ALA C 52 34.60 18.55 -37.56
C ALA C 52 34.58 18.49 -36.05
N VAL C 53 35.73 18.76 -35.44
CA VAL C 53 35.81 18.70 -33.98
C VAL C 53 36.25 20.06 -33.45
N PHE C 54 35.39 20.65 -32.63
CA PHE C 54 35.61 21.96 -32.03
C PHE C 54 35.90 21.79 -30.55
N SER C 55 36.76 22.66 -30.04
CA SER C 55 37.27 22.48 -28.70
C SER C 55 37.47 23.81 -27.97
N SER C 56 37.47 24.93 -28.69
CA SER C 56 37.54 26.25 -28.01
C SER C 56 36.18 26.64 -27.47
N PHE C 57 36.16 27.49 -26.43
CA PHE C 57 34.89 27.92 -25.84
C PHE C 57 34.07 28.64 -26.91
N SER C 58 34.73 29.53 -27.64
CA SER C 58 34.08 30.32 -28.69
C SER C 58 33.41 29.43 -29.75
N ASP C 59 34.16 28.45 -30.27
CA ASP C 59 33.62 27.61 -31.34
C ASP C 59 32.44 26.77 -30.82
N CYS C 60 32.59 26.18 -29.62
CA CYS C 60 31.53 25.35 -29.07
C CYS C 60 30.26 26.16 -28.81
N ASP C 61 30.44 27.36 -28.25
CA ASP C 61 29.35 28.31 -28.00
C ASP C 61 28.66 28.64 -29.33
N ASP C 62 29.46 28.99 -30.32
CA ASP C 62 28.95 29.34 -31.66
C ASP C 62 28.14 28.22 -32.31
N VAL C 63 28.63 26.98 -32.24
CA VAL C 63 27.88 25.84 -32.80
C VAL C 63 26.52 25.65 -32.09
N LEU C 64 26.52 25.72 -30.77
CA LEU C 64 25.30 25.49 -30.00
C LEU C 64 24.21 26.50 -30.34
N ARG C 65 24.63 27.74 -30.64
CA ARG C 65 23.73 28.81 -31.00
C ARG C 65 23.38 28.91 -32.49
N HIS C 66 24.15 28.22 -33.34
CA HIS C 66 24.01 28.43 -34.79
C HIS C 66 22.66 27.93 -35.29
N PRO C 67 21.89 28.78 -35.99
CA PRO C 67 20.57 28.36 -36.48
C PRO C 67 20.60 27.15 -37.44
N SER C 68 21.73 26.87 -38.08
CA SER C 68 21.87 25.68 -38.95
C SER C 68 22.39 24.40 -38.26
N SER C 69 22.79 24.50 -36.99
CA SER C 69 23.15 23.28 -36.25
C SER C 69 21.91 22.47 -35.90
N CYS C 70 21.94 21.18 -36.22
CA CYS C 70 20.79 20.31 -36.03
C CYS C 70 21.16 19.23 -35.04
N SER C 71 20.16 18.74 -34.31
CA SER C 71 20.33 17.60 -33.41
C SER C 71 19.69 16.32 -33.93
N ASP C 72 18.94 16.40 -35.03
CA ASP C 72 18.28 15.22 -35.61
C ASP C 72 19.27 14.46 -36.52
N ARG C 73 19.56 13.22 -36.11
CA ARG C 73 20.44 12.28 -36.83
C ARG C 73 20.12 12.09 -38.31
N THR C 74 18.85 12.26 -38.68
CA THR C 74 18.44 12.10 -40.09
C THR C 74 19.14 13.11 -41.02
N LYS C 75 19.68 14.17 -40.44
CA LYS C 75 20.41 15.18 -41.20
C LYS C 75 21.90 14.89 -41.31
N SER C 76 22.31 13.73 -40.80
CA SER C 76 23.72 13.35 -40.74
C SER C 76 24.11 12.46 -41.92
N THR C 77 25.20 12.82 -42.60
CA THR C 77 25.74 11.97 -43.68
C THR C 77 26.20 10.62 -43.12
N ILE C 78 26.91 10.66 -41.98
CA ILE C 78 27.44 9.44 -41.35
C ILE C 78 26.27 8.50 -41.02
N PHE C 79 25.21 9.05 -40.41
CA PHE C 79 24.04 8.22 -40.08
C PHE C 79 23.31 7.69 -41.31
N GLN C 80 23.08 8.55 -42.30
CA GLN C 80 22.43 8.13 -43.56
C GLN C 80 23.20 7.00 -44.27
N ARG C 81 24.54 7.10 -44.28
CA ARG C 81 25.38 6.02 -44.79
C ARG C 81 25.29 4.74 -43.94
N GLN C 82 25.33 4.88 -42.61
CA GLN C 82 25.24 3.72 -41.71
C GLN C 82 23.94 2.95 -41.92
N LEU C 83 22.84 3.69 -42.08
CA LEU C 83 21.54 3.10 -42.46
C LEU C 83 21.64 2.25 -43.72
N ALA C 84 22.26 2.80 -44.75
CA ALA C 84 22.48 2.07 -46.00
C ALA C 84 23.46 0.93 -45.79
N PRO C 94 9.84 7.14 -32.49
CA PRO C 94 10.59 8.38 -32.66
C PRO C 94 11.72 8.53 -31.64
N ALA C 95 12.74 9.29 -32.02
CA ALA C 95 13.79 9.71 -31.07
C ALA C 95 13.18 10.65 -30.04
N SER C 96 13.76 10.72 -28.85
CA SER C 96 13.35 11.73 -27.86
C SER C 96 13.77 13.12 -28.35
N PHE C 97 13.21 14.17 -27.73
CA PHE C 97 13.40 15.55 -28.24
C PHE C 97 14.84 16.08 -28.07
N LEU C 98 15.65 15.39 -27.26
CA LEU C 98 17.10 15.68 -27.21
C LEU C 98 17.71 15.56 -28.61
N PHE C 99 17.18 14.62 -29.40
CA PHE C 99 17.67 14.38 -30.74
C PHE C 99 16.68 14.83 -31.84
N LEU C 100 15.90 15.87 -31.55
CA LEU C 100 14.97 16.42 -32.55
C LEU C 100 15.20 17.92 -32.74
N ASP C 101 14.76 18.42 -33.89
CA ASP C 101 14.84 19.84 -34.21
C ASP C 101 13.41 20.39 -34.21
N PRO C 102 13.27 21.73 -34.27
CA PRO C 102 11.92 22.29 -34.40
C PRO C 102 11.24 21.85 -35.69
N PRO C 103 9.90 21.82 -35.73
CA PRO C 103 9.00 22.23 -34.65
C PRO C 103 8.78 21.19 -33.55
N ASP C 104 9.08 19.91 -33.82
CA ASP C 104 8.78 18.87 -32.83
C ASP C 104 9.57 19.13 -31.53
N HIS C 105 10.83 19.52 -31.65
CA HIS C 105 11.60 19.78 -30.43
C HIS C 105 10.90 20.83 -29.55
N THR C 106 10.44 21.89 -30.19
CA THR C 106 9.82 23.04 -29.47
C THR C 106 8.58 22.57 -28.72
N ARG C 107 7.73 21.82 -29.40
CA ARG C 107 6.48 21.32 -28.83
C ARG C 107 6.77 20.38 -27.64
N LEU C 108 7.65 19.40 -27.86
CA LEU C 108 7.89 18.35 -26.86
C LEU C 108 8.61 18.86 -25.63
N ARG C 109 9.65 19.69 -25.84
CA ARG C 109 10.30 20.36 -24.71
C ARG C 109 9.28 21.23 -23.94
N GLY C 110 8.43 21.95 -24.67
CA GLY C 110 7.45 22.83 -24.06
C GLY C 110 6.52 22.07 -23.12
N LEU C 111 6.23 20.83 -23.46
CA LEU C 111 5.29 20.03 -22.66
C LEU C 111 5.86 19.58 -21.32
N VAL C 112 7.18 19.47 -21.20
CA VAL C 112 7.76 19.07 -19.91
C VAL C 112 8.56 20.17 -19.19
N SER C 113 8.71 21.34 -19.80
CA SER C 113 9.57 22.36 -19.19
C SER C 113 9.05 22.91 -17.86
N LYS C 114 7.75 23.08 -17.74
CA LYS C 114 7.18 23.55 -16.46
C LYS C 114 7.44 22.57 -15.31
N ALA C 115 7.34 21.27 -15.60
CA ALA C 115 7.63 20.24 -14.61
C ALA C 115 9.07 20.31 -14.04
N PHE C 116 10.00 20.85 -14.82
CA PHE C 116 11.40 20.94 -14.38
C PHE C 116 11.85 22.35 -14.00
N ALA C 117 10.92 23.29 -13.94
CA ALA C 117 11.23 24.67 -13.56
C ALA C 117 11.68 24.73 -12.09
N PRO C 118 12.58 25.69 -11.74
CA PRO C 118 13.08 25.85 -10.37
C PRO C 118 11.98 25.79 -9.30
N ARG C 119 10.88 26.49 -9.53
CA ARG C 119 9.80 26.59 -8.54
C ARG C 119 9.19 25.23 -8.21
N VAL C 120 9.02 24.40 -9.24
CA VAL C 120 8.47 23.06 -9.09
C VAL C 120 9.52 22.13 -8.44
N ILE C 121 10.75 22.21 -8.94
CA ILE C 121 11.84 21.36 -8.43
C ILE C 121 12.19 21.64 -6.96
N LYS C 122 12.09 22.91 -6.54
CA LYS C 122 12.34 23.29 -5.15
C LYS C 122 11.47 22.52 -4.14
N ARG C 123 10.29 22.07 -4.57
CA ARG C 123 9.37 21.27 -3.74
C ARG C 123 9.97 19.92 -3.31
N LEU C 124 11.00 19.49 -4.04
CA LEU C 124 11.65 18.21 -3.79
C LEU C 124 12.73 18.26 -2.72
N GLU C 125 13.06 19.45 -2.24
CA GLU C 125 14.16 19.56 -1.28
C GLU C 125 13.97 18.67 -0.01
N PRO C 126 12.75 18.67 0.60
CA PRO C 126 12.57 17.77 1.76
C PRO C 126 12.85 16.27 1.44
N GLU C 127 12.30 15.77 0.33
CA GLU C 127 12.52 14.37 -0.10
C GLU C 127 14.02 14.08 -0.31
N ILE C 128 14.71 15.00 -0.99
CA ILE C 128 16.12 14.86 -1.29
C ILE C 128 16.94 14.88 0.02
N THR C 129 16.59 15.80 0.91
CA THR C 129 17.28 15.91 2.20
C THR C 129 17.11 14.63 3.03
N ALA C 130 15.91 14.08 3.05
CA ALA C 130 15.64 12.86 3.83
C ALA C 130 16.40 11.68 3.24
N LEU C 131 16.42 11.59 1.90
CA LEU C 131 17.19 10.55 1.20
C LEU C 131 18.68 10.61 1.50
N VAL C 132 19.27 11.80 1.38
CA VAL C 132 20.69 12.00 1.69
C VAL C 132 21.01 11.56 3.12
N ASP C 133 20.19 11.98 4.08
CA ASP C 133 20.40 11.64 5.48
C ASP C 133 20.34 10.12 5.71
N GLN C 134 19.34 9.48 5.14
CA GLN C 134 19.18 8.03 5.20
C GLN C 134 20.42 7.31 4.62
N LEU C 135 20.84 7.71 3.42
CA LEU C 135 21.98 7.10 2.74
C LEU C 135 23.29 7.31 3.53
N LEU C 136 23.48 8.51 4.07
CA LEU C 136 24.67 8.77 4.89
C LEU C 136 24.65 7.97 6.19
N ASP C 137 23.46 7.81 6.77
CA ASP C 137 23.28 7.01 7.99
C ASP C 137 23.66 5.56 7.79
N ALA C 138 23.47 5.05 6.58
CA ALA C 138 23.70 3.64 6.28
C ALA C 138 25.15 3.31 5.95
N VAL C 139 25.96 4.35 5.77
CA VAL C 139 27.39 4.20 5.46
C VAL C 139 28.14 3.65 6.67
N ASP C 140 28.88 2.57 6.45
CA ASP C 140 29.75 1.97 7.48
C ASP C 140 31.21 2.15 7.07
N GLY C 141 32.03 2.58 8.03
CA GLY C 141 33.48 2.69 7.83
C GLY C 141 34.16 1.32 7.86
N PRO C 142 35.49 1.28 7.73
CA PRO C 142 36.40 2.43 7.60
C PRO C 142 36.51 2.99 6.18
N GLU C 143 36.03 2.25 5.19
CA GLU C 143 36.05 2.68 3.78
C GLU C 143 34.71 2.38 3.10
N PHE C 144 34.31 3.25 2.18
CA PHE C 144 33.09 3.02 1.39
C PHE C 144 33.15 3.62 -0.02
N ASN C 145 32.37 3.03 -0.91
CA ASN C 145 32.27 3.46 -2.29
C ASN C 145 31.18 4.53 -2.38
N LEU C 146 31.59 5.78 -2.59
CA LEU C 146 30.65 6.89 -2.72
C LEU C 146 29.63 6.61 -3.82
N ILE C 147 30.03 5.95 -4.89
CA ILE C 147 29.13 5.70 -6.02
C ILE C 147 27.89 4.92 -5.56
N ASP C 148 28.12 3.74 -5.01
CA ASP C 148 27.03 2.82 -4.64
C ASP C 148 26.23 3.34 -3.47
N ASN C 149 26.90 4.02 -2.54
CA ASN C 149 26.28 4.42 -1.27
C ASN C 149 25.55 5.75 -1.27
N LEU C 150 25.80 6.61 -2.27
CA LEU C 150 25.19 7.93 -2.27
C LEU C 150 24.99 8.52 -3.67
N ALA C 151 26.06 8.66 -4.43
CA ALA C 151 26.03 9.44 -5.68
C ALA C 151 25.05 8.81 -6.68
N TYR C 152 25.04 7.48 -6.76
CA TYR C 152 24.12 6.78 -7.65
C TYR C 152 22.66 6.68 -7.13
N PRO C 153 22.45 6.17 -5.90
CA PRO C 153 21.06 5.92 -5.48
C PRO C 153 20.21 7.18 -5.26
N LEU C 154 20.82 8.30 -4.86
CA LEU C 154 20.02 9.51 -4.64
C LEU C 154 19.24 9.96 -5.91
N PRO C 155 19.95 10.26 -7.02
CA PRO C 155 19.26 10.70 -8.25
C PRO C 155 18.27 9.67 -8.78
N VAL C 156 18.59 8.38 -8.62
CA VAL C 156 17.69 7.29 -9.03
C VAL C 156 16.35 7.33 -8.30
N ALA C 157 16.39 7.47 -6.97
CA ALA C 157 15.15 7.52 -6.17
C ALA C 157 14.26 8.69 -6.61
N VAL C 158 14.90 9.83 -6.79
CA VAL C 158 14.18 11.05 -7.14
C VAL C 158 13.51 10.94 -8.53
N ILE C 159 14.27 10.51 -9.55
CA ILE C 159 13.70 10.44 -10.90
C ILE C 159 12.58 9.40 -10.99
N CYS C 160 12.76 8.25 -10.32
CA CYS C 160 11.70 7.22 -10.33
C CYS C 160 10.38 7.74 -9.76
N ARG C 161 10.48 8.44 -8.63
CA ARG C 161 9.31 9.07 -7.99
C ARG C 161 8.66 10.12 -8.89
N LEU C 162 9.48 10.97 -9.51
CA LEU C 162 9.01 12.05 -10.41
C LEU C 162 8.20 11.46 -11.58
N LEU C 163 8.72 10.41 -12.21
CA LEU C 163 8.13 9.85 -13.41
C LEU C 163 6.98 8.89 -13.10
N GLY C 164 7.00 8.29 -11.92
CA GLY C 164 6.00 7.29 -11.55
C GLY C 164 6.47 5.86 -11.80
N VAL C 165 7.78 5.67 -11.87
CA VAL C 165 8.37 4.36 -12.09
C VAL C 165 8.58 3.65 -10.73
N PRO C 166 8.04 2.43 -10.53
CA PRO C 166 8.18 1.75 -9.21
C PRO C 166 9.65 1.47 -8.88
N ILE C 167 10.09 1.96 -7.71
CA ILE C 167 11.49 1.82 -7.30
C ILE C 167 11.95 0.35 -7.25
N GLU C 168 11.02 -0.56 -7.00
CA GLU C 168 11.31 -2.00 -6.99
C GLU C 168 11.72 -2.59 -8.34
N ASP C 169 11.48 -1.85 -9.43
CA ASP C 169 11.89 -2.27 -10.77
C ASP C 169 13.28 -1.72 -11.14
N GLU C 170 13.87 -0.94 -10.22
CA GLU C 170 15.18 -0.32 -10.43
C GLU C 170 16.30 -1.26 -10.92
N PRO C 171 16.41 -2.47 -10.35
CA PRO C 171 17.44 -3.38 -10.88
C PRO C 171 17.49 -3.43 -12.41
N LYS C 172 16.32 -3.59 -13.06
CA LYS C 172 16.24 -3.64 -14.52
C LYS C 172 16.44 -2.29 -15.22
N PHE C 173 15.90 -1.20 -14.67
CA PHE C 173 16.18 0.13 -15.25
C PHE C 173 17.67 0.37 -15.29
N SER C 174 18.34 0.07 -14.17
CA SER C 174 19.75 0.36 -13.99
C SER C 174 20.61 -0.19 -15.14
N ARG C 175 20.40 -1.46 -15.47
CA ARG C 175 21.20 -2.11 -16.51
C ARG C 175 20.92 -1.53 -17.90
N ALA C 176 19.63 -1.39 -18.23
CA ALA C 176 19.20 -0.83 -19.51
C ALA C 176 19.66 0.63 -19.61
N SER C 177 19.52 1.35 -18.51
CA SER C 177 19.94 2.74 -18.43
C SER C 177 21.44 2.89 -18.63
N ALA C 178 22.24 2.07 -17.96
CA ALA C 178 23.72 2.08 -18.14
C ALA C 178 24.12 1.87 -19.60
N LEU C 179 23.44 0.92 -20.26
CA LEU C 179 23.71 0.61 -21.65
C LEU C 179 23.38 1.79 -22.58
N LEU C 180 22.25 2.44 -22.33
CA LEU C 180 21.85 3.56 -23.18
C LEU C 180 22.70 4.81 -22.93
N ALA C 181 23.20 4.96 -21.70
CA ALA C 181 24.14 6.07 -21.42
C ALA C 181 25.43 5.86 -22.20
N ALA C 182 25.90 4.61 -22.23
CA ALA C 182 27.13 4.26 -22.94
C ALA C 182 26.97 4.49 -24.45
N ALA C 183 25.75 4.27 -24.96
CA ALA C 183 25.43 4.43 -26.38
C ALA C 183 25.67 5.85 -26.90
N LEU C 184 25.83 6.81 -25.98
CA LEU C 184 26.14 8.19 -26.37
C LEU C 184 27.61 8.39 -26.75
N ASP C 185 28.43 7.36 -26.53
CA ASP C 185 29.84 7.42 -26.97
C ASP C 185 29.87 7.56 -28.49
N PRO C 186 30.72 8.48 -29.02
CA PRO C 186 30.75 8.76 -30.45
C PRO C 186 31.57 7.73 -31.25
N PHE C 187 31.25 6.44 -31.09
CA PHE C 187 31.98 5.41 -31.84
C PHE C 187 31.84 5.53 -33.35
N LEU C 188 30.62 5.73 -33.80
CA LEU C 188 30.39 5.82 -35.23
C LEU C 188 31.16 7.02 -35.84
N ALA C 189 31.04 8.18 -35.20
CA ALA C 189 31.76 9.38 -35.68
C ALA C 189 33.29 9.25 -35.67
N LEU C 190 33.85 8.66 -34.63
CA LEU C 190 35.30 8.58 -34.51
C LEU C 190 35.95 7.40 -35.22
N THR C 191 35.20 6.30 -35.35
CA THR C 191 35.76 5.03 -35.85
C THR C 191 35.12 4.46 -37.13
N GLY C 192 34.00 5.02 -37.56
CA GLY C 192 33.28 4.48 -38.71
C GLY C 192 32.53 3.17 -38.45
N GLU C 193 32.58 2.66 -37.21
CA GLU C 193 31.85 1.45 -36.83
C GLU C 193 30.99 1.69 -35.58
N THR C 194 29.93 0.89 -35.41
CA THR C 194 29.12 1.00 -34.21
C THR C 194 29.88 0.38 -33.03
N SER C 195 29.46 0.77 -31.83
CA SER C 195 29.97 0.19 -30.59
C SER C 195 29.83 -1.33 -30.61
N ASP C 196 30.74 -2.02 -29.89
CA ASP C 196 30.60 -3.46 -29.61
C ASP C 196 29.34 -3.76 -28.80
N LEU C 197 28.79 -2.73 -28.14
CA LEU C 197 27.59 -2.87 -27.29
C LEU C 197 26.27 -2.69 -28.06
N PHE C 198 26.37 -2.46 -29.37
CA PHE C 198 25.22 -2.04 -30.19
C PHE C 198 24.02 -2.95 -30.05
N ASP C 199 24.20 -4.25 -30.29
CA ASP C 199 23.14 -5.24 -30.15
C ASP C 199 22.48 -5.18 -28.76
N GLU C 200 23.30 -5.15 -27.71
CA GLU C 200 22.78 -5.09 -26.34
C GLU C 200 21.98 -3.80 -26.12
N GLN C 201 22.46 -2.70 -26.70
CA GLN C 201 21.79 -1.40 -26.55
C GLN C 201 20.43 -1.34 -27.27
N MET C 202 20.34 -1.96 -28.45
CA MET C 202 19.04 -2.08 -29.14
C MET C 202 18.05 -2.89 -28.32
N LYS C 203 18.54 -4.00 -27.74
CA LYS C 203 17.73 -4.87 -26.89
C LYS C 203 17.23 -4.10 -25.65
N ALA C 204 18.14 -3.38 -24.99
CA ALA C 204 17.78 -2.53 -23.84
C ALA C 204 16.76 -1.44 -24.20
N GLY C 205 16.95 -0.78 -25.35
CA GLY C 205 16.01 0.23 -25.83
C GLY C 205 14.64 -0.36 -26.00
N MET C 206 14.58 -1.53 -26.63
CA MET C 206 13.29 -2.19 -26.85
C MET C 206 12.63 -2.54 -25.53
N TRP C 207 13.40 -3.12 -24.60
CA TRP C 207 12.85 -3.48 -23.30
C TRP C 207 12.28 -2.25 -22.59
N LEU C 208 13.06 -1.16 -22.54
CA LEU C 208 12.63 0.07 -21.89
C LEU C 208 11.36 0.66 -22.50
N ARG C 209 11.27 0.69 -23.83
CA ARG C 209 10.06 1.15 -24.49
C ARG C 209 8.82 0.31 -24.12
N ASP C 210 8.96 -1.00 -24.22
CA ASP C 210 7.88 -1.92 -23.84
C ASP C 210 7.46 -1.74 -22.37
N TYR C 211 8.46 -1.65 -21.50
CA TYR C 211 8.23 -1.46 -20.08
C TYR C 211 7.43 -0.17 -19.82
N LEU C 212 7.90 0.95 -20.38
CA LEU C 212 7.22 2.23 -20.18
C LEU C 212 5.84 2.25 -20.80
N ARG C 213 5.68 1.61 -21.97
CA ARG C 213 4.37 1.46 -22.59
C ARG C 213 3.35 0.84 -21.61
N ALA C 214 3.77 -0.20 -20.90
CA ALA C 214 2.89 -0.90 -19.95
C ALA C 214 2.52 0.01 -18.77
N LEU C 215 3.47 0.81 -18.27
CA LEU C 215 3.19 1.76 -17.20
C LEU C 215 2.22 2.84 -17.66
N ILE C 216 2.42 3.32 -18.90
CA ILE C 216 1.55 4.31 -19.49
C ILE C 216 0.14 3.80 -19.62
N ASP C 217 -0.01 2.54 -20.05
CA ASP C 217 -1.33 1.96 -20.24
C ASP C 217 -2.10 1.82 -18.92
N GLU C 218 -1.41 1.52 -17.83
CA GLU C 218 -2.10 1.41 -16.54
C GLU C 218 -2.60 2.76 -16.00
N ARG C 219 -1.96 3.84 -16.42
CA ARG C 219 -2.36 5.18 -16.05
C ARG C 219 -3.65 5.65 -16.74
N ARG C 220 -4.10 4.91 -17.76
CA ARG C 220 -5.44 5.12 -18.35
C ARG C 220 -6.54 4.52 -17.48
N ARG C 221 -6.16 3.68 -16.50
CA ARG C 221 -7.13 2.96 -15.64
C ARG C 221 -7.11 3.43 -14.18
N THR C 222 -5.91 3.75 -13.68
CA THR C 222 -5.71 4.16 -12.30
C THR C 222 -4.99 5.49 -12.28
N PRO C 223 -5.58 6.51 -11.61
CA PRO C 223 -4.97 7.85 -11.56
C PRO C 223 -3.62 7.84 -10.86
N GLY C 224 -2.60 8.39 -11.51
CA GLY C 224 -1.29 8.58 -10.89
C GLY C 224 -1.09 10.03 -10.51
N GLU C 225 -0.09 10.29 -9.68
CA GLU C 225 0.30 11.65 -9.35
C GLU C 225 1.75 11.82 -9.80
N ASP C 226 2.01 11.65 -11.07
CA ASP C 226 3.38 11.69 -11.56
C ASP C 226 3.37 12.24 -12.96
N LEU C 227 4.55 12.49 -13.50
CA LEU C 227 4.66 13.13 -14.81
C LEU C 227 4.10 12.26 -15.92
N MET C 228 4.23 10.95 -15.79
CA MET C 228 3.73 10.04 -16.83
C MET C 228 2.20 10.22 -16.95
N SER C 229 1.52 10.26 -15.81
CA SER C 229 0.09 10.48 -15.78
C SER C 229 -0.30 11.83 -16.37
N GLY C 230 0.47 12.87 -16.03
CA GLY C 230 0.22 14.22 -16.57
C GLY C 230 0.32 14.22 -18.09
N LEU C 231 1.31 13.49 -18.61
CA LEU C 231 1.50 13.43 -20.08
C LEU C 231 0.37 12.62 -20.75
N VAL C 232 -0.06 11.54 -20.14
CA VAL C 232 -1.22 10.79 -20.67
C VAL C 232 -2.48 11.68 -20.74
N ALA C 233 -2.73 12.49 -19.70
CA ALA C 233 -3.87 13.43 -19.72
C ALA C 233 -3.85 14.35 -20.95
N VAL C 234 -2.68 14.89 -21.29
CA VAL C 234 -2.55 15.74 -22.47
C VAL C 234 -2.72 14.94 -23.77
N GLU C 235 -2.05 13.80 -23.83
CA GLU C 235 -2.09 12.94 -25.02
C GLU C 235 -3.53 12.54 -25.37
N GLU C 236 -4.33 12.25 -24.33
CA GLU C 236 -5.71 11.76 -24.53
C GLU C 236 -6.71 12.88 -24.80
N SER C 237 -6.28 14.13 -24.59
CA SER C 237 -7.17 15.28 -24.76
C SER C 237 -7.12 15.90 -26.15
N GLY C 238 -6.10 15.58 -26.94
CA GLY C 238 -5.91 16.25 -28.24
C GLY C 238 -4.74 15.75 -29.06
N ASP C 239 -4.25 16.63 -29.93
CA ASP C 239 -3.28 16.25 -30.95
C ASP C 239 -1.86 16.74 -30.65
N GLN C 240 -1.61 17.10 -29.39
CA GLN C 240 -0.31 17.67 -29.01
C GLN C 240 0.79 16.67 -28.71
N LEU C 241 0.43 15.39 -28.63
CA LEU C 241 1.32 14.38 -28.07
C LEU C 241 0.81 13.00 -28.43
N THR C 242 1.70 12.10 -28.88
CA THR C 242 1.31 10.71 -29.11
C THR C 242 1.81 9.81 -27.98
N GLU C 243 1.26 8.59 -27.87
CA GLU C 243 1.80 7.64 -26.90
C GLU C 243 3.27 7.35 -27.13
N ASP C 244 3.67 7.15 -28.39
CA ASP C 244 5.08 6.91 -28.73
C ASP C 244 5.98 8.05 -28.25
N GLU C 245 5.51 9.27 -28.37
CA GLU C 245 6.24 10.43 -27.85
C GLU C 245 6.35 10.49 -26.32
N ILE C 246 5.30 10.04 -25.63
CA ILE C 246 5.39 9.93 -24.17
C ILE C 246 6.48 8.93 -23.79
N ILE C 247 6.51 7.80 -24.50
CA ILE C 247 7.52 6.76 -24.22
C ILE C 247 8.94 7.31 -24.42
N ALA C 248 9.15 7.98 -25.56
CA ALA C 248 10.47 8.51 -25.87
C ALA C 248 10.89 9.56 -24.86
N THR C 249 9.94 10.43 -24.50
CA THR C 249 10.19 11.48 -23.51
C THR C 249 10.56 10.92 -22.14
N CYS C 250 9.74 9.98 -21.65
CA CYS C 250 9.97 9.38 -20.33
C CYS C 250 11.26 8.56 -20.29
N ASN C 251 11.58 7.87 -21.39
CA ASN C 251 12.83 7.16 -21.52
C ASN C 251 14.00 8.13 -21.34
N LEU C 252 13.94 9.25 -22.06
CA LEU C 252 15.01 10.26 -21.98
C LEU C 252 15.18 10.73 -20.54
N LEU C 253 14.08 11.10 -19.91
CA LEU C 253 14.10 11.65 -18.55
C LEU C 253 14.63 10.63 -17.54
N LEU C 254 14.16 9.39 -17.64
CA LEU C 254 14.59 8.30 -16.75
C LEU C 254 16.11 8.11 -16.85
N ILE C 255 16.60 7.99 -18.07
CA ILE C 255 18.04 7.77 -18.29
C ILE C 255 18.87 8.96 -17.79
N ALA C 256 18.46 10.18 -18.14
CA ALA C 256 19.10 11.38 -17.60
C ALA C 256 19.16 11.37 -16.08
N GLY C 257 18.07 10.92 -15.46
CA GLY C 257 18.03 10.83 -13.99
C GLY C 257 18.96 9.79 -13.39
N HIS C 258 19.32 8.77 -14.17
CA HIS C 258 20.22 7.71 -13.73
C HIS C 258 21.71 7.93 -13.99
N GLU C 259 22.05 8.75 -14.98
CA GLU C 259 23.39 8.69 -15.59
C GLU C 259 24.20 9.98 -15.66
N THR C 260 23.85 10.92 -14.79
CA THR C 260 24.26 12.29 -14.97
C THR C 260 24.68 12.87 -13.62
N THR C 261 23.71 13.14 -12.74
CA THR C 261 23.96 13.82 -11.47
C THR C 261 24.91 12.97 -10.61
N VAL C 262 24.81 11.64 -10.73
CA VAL C 262 25.75 10.75 -10.04
C VAL C 262 27.19 11.24 -10.24
N ASN C 263 27.52 11.64 -11.47
CA ASN C 263 28.88 12.03 -11.80
C ASN C 263 29.21 13.46 -11.39
N LEU C 264 28.20 14.31 -11.34
CA LEU C 264 28.42 15.64 -10.77
C LEU C 264 28.82 15.50 -9.30
N ILE C 265 28.06 14.69 -8.55
CA ILE C 265 28.36 14.48 -7.13
C ILE C 265 29.73 13.82 -6.96
N ALA C 266 29.98 12.73 -7.69
CA ALA C 266 31.24 11.99 -7.51
C ALA C 266 32.46 12.77 -7.99
N ASN C 267 32.34 13.42 -9.14
CA ASN C 267 33.46 14.23 -9.65
C ASN C 267 33.77 15.39 -8.71
N ALA C 268 32.74 15.97 -8.09
CA ALA C 268 32.94 17.08 -7.14
C ALA C 268 33.66 16.55 -5.91
N ALA C 269 33.21 15.40 -5.41
CA ALA C 269 33.87 14.76 -4.25
C ALA C 269 35.34 14.47 -4.52
N LEU C 270 35.60 13.89 -5.68
CA LEU C 270 36.97 13.57 -6.09
C LEU C 270 37.83 14.83 -6.17
N ALA C 271 37.31 15.89 -6.80
CA ALA C 271 38.11 17.12 -6.96
C ALA C 271 38.40 17.76 -5.60
N MET C 272 37.43 17.73 -4.69
CA MET C 272 37.66 18.25 -3.35
C MET C 272 38.72 17.42 -2.61
N LEU C 273 38.63 16.09 -2.70
CA LEU C 273 39.61 15.22 -2.04
C LEU C 273 41.04 15.43 -2.58
N ARG C 274 41.14 15.77 -3.85
CA ARG C 274 42.44 15.96 -4.47
C ARG C 274 43.01 17.38 -4.35
N THR C 275 42.20 18.33 -3.91
CA THR C 275 42.58 19.75 -3.94
C THR C 275 42.75 20.27 -2.53
N PRO C 276 43.97 20.77 -2.21
CA PRO C 276 44.32 21.18 -0.84
C PRO C 276 43.28 22.09 -0.19
N GLY C 277 42.82 21.66 0.97
CA GLY C 277 41.89 22.43 1.80
C GLY C 277 40.41 22.36 1.41
N GLN C 278 40.09 21.80 0.24
CA GLN C 278 38.71 21.92 -0.27
C GLN C 278 37.64 21.11 0.47
N TRP C 279 37.99 19.88 0.84
CA TRP C 279 37.06 19.03 1.58
C TRP C 279 36.79 19.63 2.94
N ALA C 280 37.86 20.05 3.63
CA ALA C 280 37.73 20.72 4.94
C ALA C 280 36.91 22.02 4.85
N ALA C 281 37.15 22.82 3.82
CA ALA C 281 36.42 24.08 3.62
C ALA C 281 34.90 23.86 3.45
N LEU C 282 34.52 22.86 2.66
CA LEU C 282 33.09 22.55 2.51
C LEU C 282 32.48 21.95 3.79
N ALA C 283 33.25 21.10 4.47
CA ALA C 283 32.79 20.52 5.76
C ALA C 283 32.49 21.61 6.78
N ALA C 284 33.30 22.67 6.73
CA ALA C 284 33.19 23.78 7.69
C ALA C 284 32.11 24.77 7.28
N ASP C 285 31.84 24.87 5.97
CA ASP C 285 30.89 25.85 5.48
C ASP C 285 30.12 25.32 4.27
N GLY C 286 28.91 24.81 4.52
CA GLY C 286 28.07 24.28 3.46
C GLY C 286 27.66 25.27 2.38
N SER C 287 27.78 26.57 2.65
CA SER C 287 27.44 27.59 1.65
C SER C 287 28.38 27.56 0.42
N ARG C 288 29.49 26.83 0.52
CA ARG C 288 30.42 26.66 -0.61
C ARG C 288 29.91 25.70 -1.68
N ALA C 289 28.79 25.03 -1.37
CA ALA C 289 28.26 23.97 -2.25
C ALA C 289 28.05 24.46 -3.66
N SER C 290 27.38 25.61 -3.82
CA SER C 290 27.07 26.11 -5.17
C SER C 290 28.34 26.34 -6.02
N ALA C 291 29.33 27.01 -5.43
CA ALA C 291 30.61 27.25 -6.13
C ALA C 291 31.32 25.93 -6.45
N VAL C 292 31.32 24.99 -5.49
CA VAL C 292 31.95 23.67 -5.74
C VAL C 292 31.29 23.01 -6.95
N ILE C 293 29.95 23.06 -6.98
CA ILE C 293 29.20 22.41 -8.06
C ILE C 293 29.49 23.06 -9.41
N GLU C 294 29.47 24.38 -9.50
CA GLU C 294 29.70 25.00 -10.81
C GLU C 294 31.14 24.81 -11.25
N GLU C 295 32.07 24.87 -10.30
CA GLU C 295 33.47 24.65 -10.67
C GLU C 295 33.72 23.21 -11.10
N THR C 296 32.96 22.26 -10.53
CA THR C 296 33.03 20.86 -11.01
C THR C 296 32.46 20.71 -12.42
N MET C 297 31.32 21.35 -12.68
CA MET C 297 30.78 21.39 -14.06
C MET C 297 31.83 21.88 -15.06
N ARG C 298 32.58 22.91 -14.69
CA ARG C 298 33.66 23.43 -15.55
C ARG C 298 34.85 22.46 -15.64
N TYR C 299 35.37 22.09 -14.47
CA TYR C 299 36.66 21.36 -14.38
C TYR C 299 36.58 19.88 -14.73
N ASP C 300 35.47 19.23 -14.41
CA ASP C 300 35.37 17.78 -14.62
C ASP C 300 33.94 17.42 -15.01
N PRO C 301 33.52 17.82 -16.21
CA PRO C 301 32.11 17.79 -16.58
C PRO C 301 31.55 16.37 -16.69
N PRO C 302 30.38 16.12 -16.10
CA PRO C 302 29.70 14.85 -16.28
C PRO C 302 29.42 14.54 -17.75
N VAL C 303 29.05 15.56 -18.53
CA VAL C 303 28.85 15.36 -19.96
C VAL C 303 30.05 15.98 -20.69
N GLN C 304 30.89 15.13 -21.27
CA GLN C 304 32.20 15.58 -21.78
C GLN C 304 32.11 16.24 -23.17
N LEU C 305 31.11 15.82 -23.95
CA LEU C 305 30.99 16.26 -25.34
C LEU C 305 29.55 16.14 -25.81
N VAL C 306 29.19 16.89 -26.85
CA VAL C 306 27.87 16.75 -27.51
C VAL C 306 28.08 16.78 -29.01
N SER C 307 27.06 16.36 -29.78
CA SER C 307 27.14 16.32 -31.25
C SER C 307 26.09 17.21 -31.86
N ARG C 308 26.43 17.81 -33.00
CA ARG C 308 25.47 18.50 -33.85
C ARG C 308 25.71 18.07 -35.29
N TYR C 309 24.75 18.35 -36.17
CA TYR C 309 24.92 18.05 -37.62
C TYR C 309 24.67 19.33 -38.36
N ALA C 310 25.50 19.63 -39.37
CA ALA C 310 25.31 20.85 -40.16
C ALA C 310 24.07 20.68 -41.06
N GLY C 311 23.00 21.42 -40.76
CA GLY C 311 21.76 21.39 -41.55
C GLY C 311 21.92 22.04 -42.92
N ASP C 312 22.94 22.90 -43.03
CA ASP C 312 23.39 23.52 -44.28
C ASP C 312 24.89 23.82 -44.13
N ASP C 313 25.56 24.12 -45.24
CA ASP C 313 26.92 24.66 -45.19
C ASP C 313 26.90 25.81 -44.19
N LEU C 314 27.87 25.83 -43.28
CA LEU C 314 27.88 26.85 -42.23
C LEU C 314 29.30 27.16 -41.85
N THR C 315 29.50 28.30 -41.20
CA THR C 315 30.83 28.75 -40.83
C THR C 315 30.94 28.94 -39.32
N ILE C 316 32.01 28.40 -38.73
CA ILE C 316 32.29 28.58 -37.31
C ILE C 316 33.69 29.17 -37.25
N GLY C 317 33.80 30.38 -36.73
CA GLY C 317 35.04 31.13 -36.81
C GLY C 317 35.36 31.35 -38.27
N THR C 318 36.49 30.80 -38.72
CA THR C 318 36.88 30.92 -40.12
C THR C 318 36.72 29.59 -40.87
N HIS C 319 36.23 28.56 -40.18
CA HIS C 319 36.12 27.23 -40.77
C HIS C 319 34.71 26.93 -41.23
N THR C 320 34.60 26.37 -42.44
CA THR C 320 33.30 25.98 -42.96
C THR C 320 33.07 24.50 -42.74
N VAL C 321 31.82 24.17 -42.40
CA VAL C 321 31.45 22.78 -42.22
C VAL C 321 30.42 22.45 -43.30
N PRO C 322 30.72 21.43 -44.13
CA PRO C 322 29.79 21.02 -45.17
C PRO C 322 28.48 20.50 -44.61
N LYS C 323 27.37 20.84 -45.26
CA LYS C 323 26.06 20.29 -44.94
C LYS C 323 26.13 18.77 -44.76
N GLY C 324 25.59 18.26 -43.64
CA GLY C 324 25.53 16.82 -43.37
C GLY C 324 26.65 16.30 -42.47
N ASP C 325 27.71 17.10 -42.31
CA ASP C 325 28.83 16.64 -41.47
C ASP C 325 28.49 16.71 -39.98
N THR C 326 29.11 15.83 -39.20
CA THR C 326 28.99 15.84 -37.74
C THR C 326 29.95 16.84 -37.14
N MET C 327 29.46 17.61 -36.19
CA MET C 327 30.29 18.51 -35.42
C MET C 327 30.31 17.99 -34.00
N LEU C 328 31.47 17.53 -33.56
CA LEU C 328 31.66 17.13 -32.17
C LEU C 328 32.20 18.31 -31.38
N LEU C 329 31.55 18.61 -30.26
CA LEU C 329 31.94 19.73 -29.41
C LEU C 329 32.53 19.14 -28.15
N LEU C 330 33.84 19.33 -27.97
CA LEU C 330 34.55 18.79 -26.80
C LEU C 330 34.39 19.82 -25.68
N LEU C 331 33.26 19.74 -24.98
CA LEU C 331 32.97 20.68 -23.90
C LEU C 331 34.04 20.64 -22.83
N ALA C 332 34.55 19.44 -22.53
CA ALA C 332 35.65 19.32 -21.55
C ALA C 332 36.87 20.18 -21.89
N ALA C 333 37.22 20.24 -23.18
CA ALA C 333 38.27 21.12 -23.63
C ALA C 333 37.89 22.58 -23.56
N ALA C 334 36.66 22.91 -23.99
CA ALA C 334 36.19 24.30 -24.02
C ALA C 334 36.24 24.95 -22.64
N HIS C 335 35.93 24.16 -21.60
CA HIS C 335 35.91 24.64 -20.22
C HIS C 335 37.30 25.03 -19.69
N ARG C 336 38.32 24.51 -20.36
CA ARG C 336 39.71 24.76 -19.96
C ARG C 336 40.43 25.69 -20.93
N ASP C 337 39.65 26.49 -21.63
CA ASP C 337 40.16 27.44 -22.63
C ASP C 337 40.76 28.65 -21.88
N PRO C 338 42.09 28.87 -21.99
CA PRO C 338 42.71 30.00 -21.28
C PRO C 338 42.26 31.38 -21.74
N THR C 339 41.62 31.50 -22.90
CA THR C 339 41.10 32.80 -23.33
C THR C 339 39.81 33.18 -22.58
N ILE C 340 39.24 32.20 -21.88
CA ILE C 340 37.98 32.37 -21.13
C ILE C 340 38.18 32.40 -19.62
N VAL C 341 39.15 31.62 -19.12
CA VAL C 341 39.33 31.49 -17.68
C VAL C 341 40.83 31.41 -17.35
N GLY C 342 41.24 32.06 -16.25
CA GLY C 342 42.64 31.99 -15.79
C GLY C 342 42.90 30.68 -15.07
N ALA C 343 44.15 30.18 -15.12
CA ALA C 343 44.48 28.89 -14.49
C ALA C 343 43.41 27.80 -14.79
N PRO C 344 43.10 27.61 -16.09
CA PRO C 344 41.97 26.73 -16.47
C PRO C 344 42.08 25.32 -15.94
N ASP C 345 43.30 24.82 -15.76
CA ASP C 345 43.53 23.45 -15.31
C ASP C 345 43.62 23.30 -13.77
N ARG C 346 43.27 24.36 -13.06
CA ARG C 346 43.18 24.33 -11.61
C ARG C 346 41.71 24.21 -11.18
N PHE C 347 41.43 23.35 -10.19
CA PHE C 347 40.09 23.28 -9.57
C PHE C 347 40.03 24.33 -8.46
N ASP C 348 39.27 25.39 -8.69
CA ASP C 348 39.24 26.55 -7.80
C ASP C 348 37.83 27.07 -7.61
N PRO C 349 37.10 26.52 -6.61
CA PRO C 349 35.73 27.00 -6.38
C PRO C 349 35.66 28.48 -6.02
N ASP C 350 36.79 29.08 -5.63
CA ASP C 350 36.79 30.51 -5.26
C ASP C 350 37.10 31.46 -6.44
N ARG C 351 37.28 30.92 -7.64
CA ARG C 351 37.63 31.76 -8.79
C ARG C 351 36.53 32.78 -9.08
N ALA C 352 36.93 33.93 -9.62
CA ALA C 352 36.03 35.07 -9.74
C ALA C 352 34.89 34.82 -10.73
N GLN C 353 35.18 34.07 -11.78
CA GLN C 353 34.19 33.82 -12.81
C GLN C 353 34.24 32.34 -13.15
N ILE C 354 33.13 31.64 -12.92
CA ILE C 354 33.01 30.25 -13.32
C ILE C 354 32.13 30.22 -14.57
N ARG C 355 32.74 29.89 -15.70
CA ARG C 355 31.99 29.82 -16.96
C ARG C 355 32.11 28.42 -17.54
N HIS C 356 30.97 27.83 -17.90
CA HIS C 356 30.99 26.52 -18.55
C HIS C 356 29.79 26.33 -19.50
N LEU C 357 29.83 25.25 -20.26
CA LEU C 357 28.76 24.82 -21.15
C LEU C 357 28.32 23.43 -20.74
N GLY C 358 28.49 23.11 -19.46
CA GLY C 358 28.27 21.76 -18.95
C GLY C 358 26.82 21.29 -18.99
N PHE C 359 25.89 22.25 -19.05
CA PHE C 359 24.46 21.98 -19.24
C PHE C 359 24.00 22.39 -20.64
N GLY C 360 24.96 22.60 -21.53
CA GLY C 360 24.66 23.02 -22.90
C GLY C 360 24.38 24.51 -22.95
N LYS C 361 23.69 24.93 -24.01
CA LYS C 361 23.36 26.36 -24.21
C LYS C 361 22.36 26.50 -25.34
N GLY C 362 21.35 27.35 -25.15
CA GLY C 362 20.38 27.67 -26.21
C GLY C 362 19.20 26.72 -26.22
N ALA C 363 18.82 26.28 -27.42
CA ALA C 363 17.56 25.51 -27.62
C ALA C 363 17.45 24.25 -26.76
N HIS C 364 18.56 23.54 -26.62
CA HIS C 364 18.56 22.24 -25.94
C HIS C 364 19.17 22.33 -24.54
N PHE C 365 19.27 23.54 -23.99
CA PHE C 365 19.82 23.73 -22.64
C PHE C 365 19.18 22.74 -21.67
N CYS C 366 20.01 22.08 -20.87
CA CYS C 366 19.56 21.02 -19.95
C CYS C 366 18.29 21.36 -19.15
N LEU C 367 17.23 20.59 -19.36
CA LEU C 367 16.00 20.76 -18.57
C LEU C 367 16.17 20.31 -17.12
N GLY C 368 17.14 19.43 -16.88
CA GLY C 368 17.38 18.90 -15.56
C GLY C 368 18.29 19.73 -14.69
N ALA C 369 18.77 20.87 -15.18
CA ALA C 369 19.82 21.61 -14.45
C ALA C 369 19.36 22.06 -13.03
N PRO C 370 18.15 22.62 -12.91
CA PRO C 370 17.70 22.94 -11.51
C PRO C 370 17.67 21.72 -10.59
N LEU C 371 17.16 20.60 -11.10
CA LEU C 371 17.13 19.35 -10.30
C LEU C 371 18.51 18.82 -9.96
N ALA C 372 19.38 18.72 -10.98
CA ALA C 372 20.75 18.26 -10.73
C ALA C 372 21.46 19.15 -9.72
N ARG C 373 21.33 20.46 -9.88
CA ARG C 373 21.93 21.40 -8.91
C ARG C 373 21.39 21.19 -7.49
N LEU C 374 20.09 21.01 -7.37
CA LEU C 374 19.48 20.82 -6.06
C LEU C 374 19.97 19.53 -5.41
N GLU C 375 19.96 18.43 -6.18
CA GLU C 375 20.44 17.15 -5.70
C GLU C 375 21.85 17.26 -5.14
N ALA C 376 22.73 17.89 -5.92
CA ALA C 376 24.14 18.01 -5.52
C ALA C 376 24.35 19.00 -4.38
N THR C 377 23.56 20.07 -4.39
CA THR C 377 23.62 21.11 -3.34
C THR C 377 23.24 20.55 -1.98
N VAL C 378 22.28 19.61 -1.94
CA VAL C 378 21.94 18.96 -0.68
C VAL C 378 22.99 17.90 -0.32
N ALA C 379 23.33 17.04 -1.28
CA ALA C 379 24.21 15.90 -1.04
C ALA C 379 25.64 16.26 -0.60
N LEU C 380 26.27 17.20 -1.31
CA LEU C 380 27.70 17.45 -1.11
C LEU C 380 28.07 18.02 0.26
N PRO C 381 27.44 19.14 0.68
CA PRO C 381 27.80 19.65 2.01
C PRO C 381 27.43 18.69 3.15
N ALA C 382 26.36 17.91 2.98
CA ALA C 382 25.97 16.90 3.98
C ALA C 382 27.06 15.82 4.10
N LEU C 383 27.57 15.37 2.95
CA LEU C 383 28.64 14.38 2.90
C LEU C 383 29.93 14.86 3.58
N ALA C 384 30.32 16.10 3.27
CA ALA C 384 31.56 16.67 3.81
C ALA C 384 31.45 16.86 5.31
N ALA C 385 30.32 17.44 5.75
CA ALA C 385 30.05 17.69 7.17
C ALA C 385 30.00 16.39 7.98
N ARG C 386 29.47 15.33 7.37
CA ARG C 386 29.37 14.04 8.02
C ARG C 386 30.73 13.37 8.22
N PHE C 387 31.60 13.48 7.22
CA PHE C 387 32.93 12.88 7.27
C PHE C 387 34.02 13.92 7.01
N PRO C 388 34.21 14.86 7.95
CA PRO C 388 35.16 15.95 7.74
C PRO C 388 36.62 15.50 7.57
N GLU C 389 36.96 14.32 8.10
CA GLU C 389 38.31 13.77 7.99
C GLU C 389 38.49 12.85 6.77
N ALA C 390 37.51 12.81 5.88
CA ALA C 390 37.56 11.93 4.71
C ALA C 390 38.82 12.10 3.87
N ARG C 391 39.35 10.97 3.40
CA ARG C 391 40.47 10.96 2.46
C ARG C 391 40.17 9.97 1.35
N LEU C 392 40.70 10.25 0.17
CA LEU C 392 40.65 9.29 -0.95
C LEU C 392 41.39 8.00 -0.59
N SER C 393 40.73 6.87 -0.80
CA SER C 393 41.33 5.57 -0.59
C SER C 393 41.68 4.89 -1.93
N GLY C 394 42.96 4.87 -2.27
CA GLY C 394 43.42 4.31 -3.53
C GLY C 394 43.11 5.21 -4.71
N GLU C 395 42.99 4.63 -5.90
CA GLU C 395 42.63 5.41 -7.08
C GLU C 395 41.27 4.94 -7.62
N PRO C 396 40.44 5.89 -8.07
CA PRO C 396 39.10 5.50 -8.54
C PRO C 396 39.13 4.67 -9.81
N GLU C 397 38.09 3.88 -10.02
CA GLU C 397 37.91 3.11 -11.24
C GLU C 397 36.86 3.77 -12.10
N TYR C 398 37.14 3.89 -13.40
CA TYR C 398 36.21 4.54 -14.33
C TYR C 398 35.45 3.52 -15.18
N LYS C 399 34.21 3.85 -15.50
CA LYS C 399 33.44 3.17 -16.54
C LYS C 399 34.12 3.40 -17.87
N ARG C 400 33.75 2.61 -18.87
CA ARG C 400 34.33 2.80 -20.20
C ARG C 400 33.80 4.06 -20.89
N ASN C 401 32.60 4.50 -20.49
CA ASN C 401 31.92 5.64 -21.11
C ASN C 401 32.83 6.82 -21.38
N LEU C 402 32.67 7.41 -22.57
CA LEU C 402 33.36 8.67 -22.86
C LEU C 402 32.45 9.90 -22.68
N THR C 403 31.28 9.87 -23.31
CA THR C 403 30.39 11.03 -23.28
C THR C 403 29.83 11.29 -21.87
N LEU C 404 29.17 10.29 -21.30
CA LEU C 404 28.71 10.36 -19.91
C LEU C 404 29.69 9.62 -19.01
N ARG C 405 30.84 10.26 -18.84
CA ARG C 405 31.99 9.67 -18.19
C ARG C 405 31.82 9.71 -16.68
N GLY C 406 32.15 8.61 -16.01
CA GLY C 406 32.08 8.57 -14.57
C GLY C 406 32.73 7.37 -13.93
N MET C 407 32.89 7.46 -12.60
CA MET C 407 33.52 6.42 -11.82
C MET C 407 32.52 5.31 -11.49
N SER C 408 33.01 4.07 -11.48
CA SER C 408 32.25 2.93 -10.94
C SER C 408 32.61 2.76 -9.47
N THR C 409 33.84 3.14 -9.12
CA THR C 409 34.30 3.12 -7.72
C THR C 409 35.02 4.40 -7.34
N LEU C 410 34.56 5.00 -6.25
CA LEU C 410 35.25 6.11 -5.60
C LEU C 410 35.30 5.77 -4.11
N SER C 411 36.45 5.30 -3.67
CA SER C 411 36.58 4.79 -2.31
C SER C 411 37.04 5.91 -1.38
N ILE C 412 36.28 6.12 -0.31
CA ILE C 412 36.60 7.16 0.66
C ILE C 412 36.85 6.51 2.03
N ALA C 413 38.00 6.81 2.63
CA ALA C 413 38.27 6.42 4.02
C ALA C 413 37.75 7.52 4.94
N VAL C 414 36.90 7.14 5.89
CA VAL C 414 36.20 8.15 6.72
C VAL C 414 37.05 8.70 7.88
CHA HEM D . -14.85 9.82 5.15
CHB HEM D . -13.38 11.53 9.44
CHC HEM D . -9.35 13.38 7.37
CHD HEM D . -11.01 12.05 3.01
C1A HEM D . -14.79 10.08 6.49
C2A HEM D . -15.72 9.64 7.52
C3A HEM D . -15.31 10.14 8.70
C4A HEM D . -14.09 10.89 8.47
CMA HEM D . -15.97 9.96 10.11
CAA HEM D . -16.97 8.75 7.26
CBA HEM D . -18.19 9.59 6.97
CGA HEM D . -19.37 8.69 6.80
O1A HEM D . -19.27 7.48 7.13
O2A HEM D . -20.43 9.20 6.34
C1B HEM D . -12.17 12.17 9.25
C2B HEM D . -11.34 12.69 10.29
C3B HEM D . -10.23 13.19 9.71
C4B HEM D . -10.33 12.99 8.30
CMB HEM D . -11.69 12.68 11.79
CAB HEM D . -9.03 13.88 10.37
CBB HEM D . -8.62 13.55 11.59
C1C HEM D . -9.46 13.22 6.01
C2C HEM D . -8.51 13.70 5.01
C3C HEM D . -8.99 13.34 3.81
C4C HEM D . -10.24 12.59 4.00
CMC HEM D . -7.21 14.47 5.32
CAC HEM D . -8.37 13.56 2.40
CBC HEM D . -7.94 14.77 2.06
C1D HEM D . -12.21 11.36 3.19
C2D HEM D . -13.02 10.85 2.11
C3D HEM D . -14.19 10.18 2.78
C4D HEM D . -14.00 10.33 4.20
CMD HEM D . -12.79 10.95 0.57
CAD HEM D . -15.37 9.50 2.04
CBD HEM D . -15.02 8.01 1.97
CGD HEM D . -16.14 7.31 1.25
O1D HEM D . -15.93 6.18 0.69
O2D HEM D . -17.25 7.89 1.21
NA HEM D . -13.78 10.79 7.12
NB HEM D . -11.49 12.31 8.04
NC HEM D . -10.46 12.53 5.37
ND HEM D . -12.77 11.01 4.42
FE HEM D . -12.07 11.58 6.25
P PO4 E . -16.96 13.50 -19.81
O1 PO4 E . -18.01 12.41 -19.64
O2 PO4 E . -17.08 14.09 -21.19
O3 PO4 E . -17.12 14.60 -18.82
O4 PO4 E . -15.60 12.86 -19.70
P PO4 F . -10.28 0.39 0.08
O1 PO4 F . -10.27 0.90 1.49
O2 PO4 F . -10.95 1.41 -0.82
O3 PO4 F . -8.86 0.14 -0.38
O4 PO4 F . -11.08 -0.90 0.01
C1 EDO G . -11.10 0.04 28.97
O1 EDO G . -11.53 -1.33 28.96
C2 EDO G . -9.86 0.10 28.11
O2 EDO G . -9.74 1.43 27.61
C1 EDO H . -31.09 15.92 5.22
O1 EDO H . -30.84 15.01 4.15
C2 EDO H . -32.09 15.31 6.20
O2 EDO H . -31.45 14.36 7.04
NA NA I . -11.77 1.11 -3.14
K K J . -15.25 9.97 -19.63
C1 EDO K . -15.22 -0.33 0.70
O1 EDO K . -14.60 0.68 1.50
C2 EDO K . -14.83 -0.21 -0.76
O2 EDO K . -15.75 0.62 -1.52
C1 D12 L . -20.35 14.06 8.09
C2 D12 L . -19.23 13.33 7.31
C3 D12 L . -17.88 13.99 7.56
C4 D12 L . -16.74 13.24 6.87
C5 D12 L . -15.41 13.97 7.00
C6 D12 L . -14.71 14.06 5.65
C7 D12 L . -14.69 15.52 5.19
C8 D12 L . -16.09 16.01 4.83
C9 D12 L . -16.07 17.35 4.10
C10 D12 L . -16.76 17.18 2.75
C11 D12 L . -17.79 18.27 2.46
C12 D12 L . -18.12 18.35 0.96
CHA HEM M . -5.16 -28.10 5.14
CHB HEM M . -9.45 -30.27 5.76
CHC HEM M . -7.41 -33.47 8.81
CHD HEM M . -3.21 -31.05 8.57
C1A HEM M . -6.48 -28.43 5.01
C2A HEM M . -7.45 -27.79 4.14
C3A HEM M . -8.65 -28.39 4.32
C4A HEM M . -8.46 -29.43 5.32
CMA HEM M . -10.01 -28.06 3.64
CAA HEM M . -7.12 -26.64 3.18
CBA HEM M . -7.34 -25.29 3.83
CGA HEM M . -7.13 -24.21 2.80
O1A HEM M . -7.04 -24.51 1.57
O2A HEM M . -7.05 -23.03 3.21
C1B HEM M . -9.24 -31.32 6.63
C2B HEM M . -10.24 -32.29 6.99
C3B HEM M . -9.67 -33.17 7.81
C4B HEM M . -8.30 -32.78 8.02
CMB HEM M . -11.71 -32.29 6.51
CAB HEM M . -10.30 -34.40 8.52
CBB HEM M . -11.17 -35.19 7.91
C1C HEM M . -6.10 -33.09 9.04
C2C HEM M . -5.16 -33.73 9.96
C3C HEM M . -4.01 -33.05 9.88
C4C HEM M . -4.18 -31.97 8.91
CMC HEM M . -5.48 -34.98 10.81
CAC HEM M . -2.69 -33.33 10.63
CBC HEM M . -2.71 -33.48 11.94
C1D HEM M . -3.38 -30.03 7.64
C2D HEM M . -2.36 -29.07 7.31
C3D HEM M . -2.95 -28.17 6.27
C4D HEM M . -4.28 -28.65 6.05
CMD HEM M . -0.92 -28.94 7.91
CAD HEM M . -2.23 -26.95 5.64
CBD HEM M . -1.64 -27.43 4.31
CGD HEM M . -0.94 -26.26 3.68
O1D HEM M . -0.04 -26.46 2.81
O2D HEM M . -1.29 -25.11 4.06
NA HEM M . -7.13 -29.45 5.69
NB HEM M . -8.04 -31.66 7.23
NC HEM M . -5.45 -32.03 8.41
ND HEM M . -4.50 -29.80 6.84
FE HEM M . -6.28 -30.80 6.97
P PO4 N . 16.45 -20.10 15.48
O1 PO4 N . 15.17 -19.98 16.23
O2 PO4 N . 16.48 -19.24 14.24
O3 PO4 N . 17.60 -19.69 16.37
O4 PO4 N . 16.69 -21.54 15.08
C1 EDO O . -23.45 -38.19 -10.33
O1 EDO O . -22.54 -37.41 -11.11
C2 EDO O . -22.61 -39.29 -9.74
O2 EDO O . -22.40 -38.95 -8.39
C1 EDO P . -9.60 -11.01 7.50
O1 EDO P . -8.91 -12.26 7.62
C2 EDO P . -11.07 -11.27 7.22
O2 EDO P . -11.21 -11.79 5.89
C1 EDO Q . -33.29 -37.87 -5.72
O1 EDO Q . -32.85 -36.53 -5.59
C2 EDO Q . -32.30 -38.84 -5.09
O2 EDO Q . -31.79 -39.77 -6.08
C1 EDO R . -26.89 -41.21 -7.52
O1 EDO R . -27.22 -40.42 -6.38
C2 EDO R . -27.17 -40.39 -8.78
O2 EDO R . -26.14 -39.40 -8.93
C1 EDO S . -19.85 -19.02 -12.76
O1 EDO S . -18.65 -18.31 -12.44
C2 EDO S . -20.69 -19.21 -11.51
O2 EDO S . -20.67 -20.60 -11.17
K K T . 17.78 -22.24 12.41
C1 D12 U . -3.14 -22.70 13.87
C2 D12 U . -4.65 -22.98 13.98
C3 D12 U . -5.23 -23.47 12.63
C4 D12 U . -6.00 -24.79 12.75
C5 D12 U . -6.52 -25.24 11.38
C6 D12 U . -7.11 -26.67 11.36
C7 D12 U . -6.66 -27.42 10.08
C8 D12 U . -7.82 -27.74 9.14
C9 D12 U . -7.81 -26.81 7.91
C10 D12 U . -8.96 -25.81 7.93
C11 D12 U . -8.55 -24.45 7.33
C12 D12 U . -9.75 -23.51 7.22
CHA HEM V . 20.07 18.25 -22.08
CHB HEM V . 23.90 17.83 -19.12
CHC HEM V . 21.02 16.27 -15.50
CHD HEM V . 17.24 16.24 -18.56
C1A HEM V . 21.35 18.32 -21.58
C2A HEM V . 22.52 18.82 -22.28
C3A HEM V . 23.60 18.69 -21.46
C4A HEM V . 23.11 18.13 -20.22
CMA HEM V . 25.08 19.06 -21.74
CAA HEM V . 22.48 19.37 -23.71
CBA HEM V . 22.78 18.29 -24.74
CGA HEM V . 22.88 18.92 -26.10
O1A HEM V . 22.94 20.18 -26.21
O2A HEM V . 22.88 18.14 -27.09
C1B HEM V . 23.45 17.39 -17.90
C2B HEM V . 24.24 17.26 -16.70
C3B HEM V . 23.45 16.84 -15.72
C4B HEM V . 22.12 16.67 -16.24
CMB HEM V . 25.76 17.56 -16.59
CAB HEM V . 23.78 16.52 -14.24
CBB HEM V . 24.71 17.20 -13.58
C1C HEM V . 19.74 16.09 -16.02
C2C HEM V . 18.59 15.56 -15.30
C3C HEM V . 17.56 15.54 -16.15
C4C HEM V . 18.02 16.08 -17.43
CMC HEM V . 18.63 15.11 -13.81
CAC HEM V . 16.10 15.10 -15.90
CBC HEM V . 15.84 13.89 -15.40
C1D HEM V . 17.68 16.75 -19.78
C2D HEM V . 16.83 16.83 -20.95
C3D HEM V . 17.71 17.44 -22.02
C4D HEM V . 19.00 17.67 -21.42
CMD HEM V . 15.35 16.38 -21.12
CAD HEM V . 17.28 17.70 -23.48
CBD HEM V . 16.85 19.17 -23.53
CGD HEM V . 16.42 19.47 -24.93
O1D HEM V . 15.65 20.46 -25.14
O2D HEM V . 16.83 18.70 -25.84
NA HEM V . 21.75 17.94 -20.32
NB HEM V . 22.14 17.08 -17.56
NC HEM V . 19.34 16.42 -17.31
ND HEM V . 18.94 17.28 -20.07
FE HEM V . 20.52 17.26 -18.78
P PO4 W . -1.87 8.50 -29.97
O1 PO4 W . -3.06 7.62 -30.32
O2 PO4 W . -1.54 9.37 -31.17
O3 PO4 W . -2.29 9.40 -28.83
O4 PO4 W . -0.71 7.64 -29.57
P PO4 X . 29.48 12.99 -49.56
O1 PO4 X . 30.09 13.31 -48.21
O2 PO4 X . 28.14 13.70 -49.68
O3 PO4 X . 30.41 13.44 -50.65
O4 PO4 X . 29.24 11.50 -49.65
C1 EDO Y . 26.28 6.54 -31.68
O1 EDO Y . 25.41 5.84 -32.59
C2 EDO Y . 27.67 6.61 -32.27
O2 EDO Y . 28.34 5.36 -32.08
C1 EDO Z . 14.36 26.81 -25.99
O1 EDO Z . 15.02 26.06 -24.94
C2 EDO Z . 12.87 26.48 -26.11
O2 EDO Z . 12.58 25.28 -26.90
C1 EDO AA . 38.87 34.05 -14.57
O1 EDO AA . 40.07 33.35 -14.24
C2 EDO AA . 38.00 33.79 -13.35
O2 EDO AA . 37.97 32.38 -13.17
C1 EDO BA . 33.98 12.15 -47.82
O1 EDO BA . 33.37 11.14 -48.65
C2 EDO BA . 33.91 13.54 -48.45
O2 EDO BA . 35.06 13.85 -49.30
C1 EDO CA . 11.77 25.54 -21.84
O1 EDO CA . 12.38 26.81 -21.53
C2 EDO CA . 11.21 25.50 -23.26
O2 EDO CA . 9.82 25.16 -23.41
C1 EDO DA . 25.98 10.10 -35.48
O1 EDO DA . 24.90 10.03 -36.41
C2 EDO DA . 27.31 10.22 -36.23
O2 EDO DA . 27.80 11.55 -36.02
C1 EDO EA . 38.43 30.34 -33.45
O1 EDO EA . 37.44 29.83 -34.34
C2 EDO EA . 39.22 29.19 -32.84
O2 EDO EA . 38.92 29.16 -31.44
NA NA FA . 31.39 15.64 -50.86
K K GA . -2.89 12.26 -29.13
C1 D12 HA . 18.96 7.85 -24.32
C2 D12 HA . 19.42 9.31 -24.42
C3 D12 HA . 19.46 9.96 -23.05
C4 D12 HA . 20.84 9.78 -22.43
C5 D12 HA . 21.07 10.71 -21.24
C6 D12 HA . 21.00 12.17 -21.69
C7 D12 HA . 20.93 13.06 -20.46
C8 D12 HA . 21.28 14.49 -20.77
C9 D12 HA . 22.75 14.58 -21.17
C10 D12 HA . 22.86 15.01 -22.63
C11 D12 HA . 23.86 14.18 -23.41
C12 D12 HA . 24.09 14.74 -24.82
#